data_4HV8
#
_entry.id   4HV8
#
_cell.length_a   83.920
_cell.length_b   72.930
_cell.length_c   86.380
_cell.angle_alpha   90.00
_cell.angle_beta   103.11
_cell.angle_gamma   90.00
#
_symmetry.space_group_name_H-M   'P 1 2 1'
#
loop_
_entity.id
_entity.type
_entity.pdbx_description
1 polymer 'H-2 class I histocompatibility antigen, D-B alpha chain'
2 polymer Beta-2-microglobulin
3 polymer 'NPM6I variant peptide'
4 non-polymer 'SULFATE ION'
5 water water
#
loop_
_entity_poly.entity_id
_entity_poly.type
_entity_poly.pdbx_seq_one_letter_code
_entity_poly.pdbx_strand_id
1 'polypeptide(L)'
;MGPHSMRYFETAVSRPGLEEPRYISVGYVDNKEFVRFDSDAENPRYEPRAPWMEQEGPEYWERETQKAKGQEQWFRVSLR
NLLGYYNQSAGGSHTLQQMSGCDLGSDWRLLRGYLQFAYEGRDYIALNEDLKTWTAADMAAQITRRKWEQSGAAEAYKAY
LEGECVEWLHRYLKNGNATLLRTDSPKAHVTHHPRSKGEVTLRCWALGFYPADITLTWQLNGEELTQDMELVETRPAGDG
TFQKWASVVVPLGKEQNYTCRVYHEGLPEPLTLRWEPPPST
;
A,C
2 'polypeptide(L)'
;MIQKTPQIQVYSRHPPENGKPNILNCYVTQFHPPHIEIQMLKNGKKIPKVEMSDMSFSKDWSFYILAHTEFTPTETDTYA
CRVKHASMAEPKTVYWDRDM
;
B,D
3 'polypeptide(L)' ASNENIETM E,F
#
# COMPACT_ATOMS: atom_id res chain seq x y z
N PRO A 3 5.93 -0.32 1.73
CA PRO A 3 5.56 -0.28 3.15
C PRO A 3 6.67 -0.87 4.04
N HIS A 4 6.96 -0.18 5.14
CA HIS A 4 8.01 -0.57 6.05
C HIS A 4 7.56 -0.52 7.49
N SER A 5 8.27 -1.23 8.38
CA SER A 5 7.90 -1.23 9.78
C SER A 5 9.07 -1.62 10.65
N MET A 6 9.02 -1.21 11.91
CA MET A 6 9.93 -1.63 12.96
C MET A 6 9.04 -1.97 14.15
N ARG A 7 9.39 -3.05 14.85
CA ARG A 7 8.69 -3.48 16.04
C ARG A 7 9.65 -4.08 17.05
N TYR A 8 9.38 -3.85 18.33
CA TYR A 8 10.03 -4.53 19.44
C TYR A 8 8.92 -5.36 20.09
N PHE A 9 9.17 -6.67 20.21
CA PHE A 9 8.26 -7.63 20.85
C PHE A 9 8.94 -8.03 22.14
N GLU A 10 8.37 -7.62 23.28
CA GLU A 10 8.95 -7.85 24.58
C GLU A 10 8.10 -8.80 25.39
N THR A 11 8.73 -9.71 26.13
CA THR A 11 8.04 -10.67 26.99
C THR A 11 8.75 -10.77 28.32
N ALA A 12 7.99 -10.71 29.41
CA ALA A 12 8.53 -11.03 30.72
C ALA A 12 7.73 -12.22 31.24
N VAL A 13 8.43 -13.27 31.65
CA VAL A 13 7.79 -14.49 32.16
C VAL A 13 8.25 -14.70 33.59
N SER A 14 7.33 -14.69 34.57
CA SER A 14 7.71 -14.98 35.96
C SER A 14 7.73 -16.49 36.17
N ARG A 15 8.62 -16.94 37.04
CA ARG A 15 8.89 -18.35 37.30
C ARG A 15 8.56 -18.81 38.73
N PRO A 16 8.39 -20.14 38.96
CA PRO A 16 8.00 -20.62 40.31
C PRO A 16 8.90 -20.25 41.49
N GLY A 17 8.23 -19.91 42.58
CA GLY A 17 8.82 -19.58 43.87
C GLY A 17 9.66 -18.32 43.90
N LEU A 18 10.96 -18.50 44.19
CA LEU A 18 11.97 -17.44 44.34
C LEU A 18 12.58 -17.00 43.02
N GLU A 19 12.68 -17.93 42.02
CA GLU A 19 13.25 -17.73 40.68
C GLU A 19 12.81 -16.39 40.06
N GLU A 20 13.78 -15.62 39.53
CA GLU A 20 13.52 -14.31 38.95
C GLU A 20 12.96 -14.38 37.51
N PRO A 21 12.18 -13.38 37.06
CA PRO A 21 11.57 -13.47 35.73
C PRO A 21 12.54 -13.42 34.56
N ARG A 22 12.13 -14.03 33.44
CA ARG A 22 12.88 -13.99 32.20
C ARG A 22 12.32 -12.87 31.37
N TYR A 23 13.19 -12.01 30.86
CA TYR A 23 12.86 -10.93 29.97
C TYR A 23 13.45 -11.22 28.57
N ILE A 24 12.65 -11.13 27.53
CA ILE A 24 13.10 -11.31 26.14
C ILE A 24 12.59 -10.16 25.29
N SER A 25 13.46 -9.58 24.48
CA SER A 25 13.08 -8.52 23.57
C SER A 25 13.57 -8.91 22.18
N VAL A 26 12.69 -8.81 21.21
CA VAL A 26 13.01 -9.13 19.82
C VAL A 26 12.64 -7.94 18.95
N GLY A 27 13.62 -7.47 18.17
CA GLY A 27 13.41 -6.38 17.24
C GLY A 27 13.15 -6.92 15.85
N TYR A 28 12.18 -6.31 15.14
CA TYR A 28 11.85 -6.67 13.76
C TYR A 28 11.96 -5.46 12.86
N VAL A 29 12.56 -5.62 11.66
CA VAL A 29 12.52 -4.57 10.62
C VAL A 29 11.79 -5.25 9.43
N ASP A 30 10.66 -4.66 8.96
CA ASP A 30 9.87 -5.25 7.86
C ASP A 30 9.58 -6.76 8.06
N ASN A 31 9.15 -7.11 9.29
CA ASN A 31 8.81 -8.48 9.74
C ASN A 31 9.95 -9.44 9.88
N LYS A 32 11.18 -8.98 9.66
CA LYS A 32 12.33 -9.83 9.79
C LYS A 32 13.07 -9.48 11.07
N GLU A 33 13.37 -10.50 11.88
CA GLU A 33 14.09 -10.34 13.15
C GLU A 33 15.48 -9.72 12.90
N PHE A 34 15.83 -8.62 13.61
CA PHE A 34 17.15 -7.97 13.41
C PHE A 34 18.02 -7.88 14.67
N VAL A 35 17.38 -7.87 15.85
CA VAL A 35 18.06 -7.88 17.17
C VAL A 35 17.31 -8.79 18.16
N ARG A 36 18.01 -9.26 19.17
CA ARG A 36 17.43 -10.08 20.23
C ARG A 36 18.19 -9.93 21.52
N PHE A 37 17.46 -9.75 22.63
CA PHE A 37 18.02 -9.73 23.98
C PHE A 37 17.30 -10.86 24.71
N ASP A 38 18.03 -11.64 25.51
CA ASP A 38 17.43 -12.71 26.30
C ASP A 38 18.14 -12.74 27.66
N SER A 39 17.41 -12.43 28.73
CA SER A 39 17.94 -12.41 30.10
C SER A 39 18.45 -13.77 30.53
N ASP A 40 17.97 -14.88 29.89
CA ASP A 40 18.45 -16.24 30.22
C ASP A 40 19.88 -16.52 29.68
N ALA A 41 20.41 -15.66 28.80
CA ALA A 41 21.78 -15.85 28.26
C ALA A 41 22.85 -15.70 29.35
N GLU A 42 23.98 -16.45 29.19
CA GLU A 42 25.15 -16.45 30.07
C GLU A 42 25.67 -15.03 30.19
N ASN A 43 25.82 -14.31 29.07
CA ASN A 43 26.16 -12.89 29.09
C ASN A 43 25.03 -12.15 28.37
N PRO A 44 24.00 -11.68 29.12
CA PRO A 44 22.85 -11.04 28.46
C PRO A 44 23.19 -9.73 27.80
N ARG A 45 22.90 -9.66 26.50
CA ARG A 45 23.10 -8.50 25.67
C ARG A 45 22.26 -8.56 24.42
N TYR A 46 21.98 -7.39 23.84
CA TYR A 46 21.30 -7.38 22.55
C TYR A 46 22.33 -7.91 21.56
N GLU A 47 21.91 -8.84 20.71
CA GLU A 47 22.79 -9.46 19.73
C GLU A 47 22.27 -9.17 18.32
N PRO A 48 23.14 -9.05 17.27
CA PRO A 48 22.62 -8.85 15.91
C PRO A 48 21.98 -10.14 15.38
N ARG A 49 20.89 -10.01 14.64
CA ARG A 49 20.15 -11.17 14.15
C ARG A 49 20.00 -11.08 12.63
N ALA A 50 20.41 -9.96 12.05
CA ALA A 50 20.42 -9.71 10.61
C ALA A 50 21.86 -9.30 10.26
N PRO A 51 22.43 -9.78 9.11
CA PRO A 51 23.84 -9.44 8.78
C PRO A 51 24.15 -7.94 8.71
N TRP A 52 23.23 -7.13 8.15
CA TRP A 52 23.41 -5.68 8.03
C TRP A 52 23.58 -4.93 9.37
N MET A 53 23.29 -5.58 10.52
CA MET A 53 23.40 -5.02 11.88
C MET A 53 24.83 -4.98 12.41
N GLU A 54 25.71 -5.81 11.83
CA GLU A 54 27.13 -5.88 12.20
C GLU A 54 27.83 -4.50 12.01
N GLN A 55 27.26 -3.65 11.12
CA GLN A 55 27.67 -2.28 10.79
C GLN A 55 27.61 -1.33 12.01
N GLU A 56 26.87 -1.74 13.07
CA GLU A 56 26.72 -0.93 14.28
C GLU A 56 27.90 -1.10 15.21
N GLY A 57 28.41 0.03 15.70
CA GLY A 57 29.54 0.10 16.62
C GLY A 57 29.27 -0.55 17.96
N PRO A 58 30.34 -0.83 18.75
CA PRO A 58 30.13 -1.49 20.05
C PRO A 58 29.27 -0.70 21.03
N GLU A 59 29.29 0.65 20.92
CA GLU A 59 28.49 1.55 21.73
C GLU A 59 26.97 1.33 21.55
N TYR A 60 26.54 0.93 20.33
CA TYR A 60 25.14 0.68 19.99
C TYR A 60 24.64 -0.45 20.89
N TRP A 61 25.41 -1.53 20.94
CA TRP A 61 25.13 -2.76 21.66
C TRP A 61 25.12 -2.58 23.16
N GLU A 62 26.03 -1.78 23.70
CA GLU A 62 26.08 -1.48 25.13
C GLU A 62 24.88 -0.64 25.55
N ARG A 63 24.54 0.40 24.76
CA ARG A 63 23.40 1.29 24.98
C ARG A 63 22.09 0.48 24.96
N GLU A 64 21.88 -0.30 23.88
CA GLU A 64 20.72 -1.19 23.75
C GLU A 64 20.61 -2.18 24.91
N THR A 65 21.74 -2.80 25.30
CA THR A 65 21.80 -3.76 26.40
C THR A 65 21.39 -3.09 27.71
N GLN A 66 21.86 -1.85 27.93
CA GLN A 66 21.52 -1.14 29.16
C GLN A 66 20.02 -0.85 29.22
N LYS A 67 19.37 -0.52 28.08
CA LYS A 67 17.92 -0.27 28.00
C LYS A 67 17.17 -1.53 28.44
N ALA A 68 17.61 -2.72 27.93
CA ALA A 68 17.03 -4.04 28.25
C ALA A 68 17.14 -4.40 29.75
N LYS A 69 18.25 -4.01 30.39
N LYS A 69 18.25 -4.02 30.39
CA LYS A 69 18.49 -4.24 31.81
CA LYS A 69 18.45 -4.27 31.82
C LYS A 69 17.46 -3.44 32.64
C LYS A 69 17.45 -3.44 32.64
N GLY A 70 17.14 -2.25 32.16
CA GLY A 70 16.16 -1.36 32.78
C GLY A 70 14.79 -1.91 32.53
N GLN A 71 14.52 -2.37 31.25
CA GLN A 71 13.23 -2.98 30.85
C GLN A 71 12.91 -4.20 31.68
N GLU A 72 13.89 -5.06 31.92
CA GLU A 72 13.74 -6.25 32.75
C GLU A 72 13.21 -5.89 34.13
N GLN A 73 13.73 -4.81 34.75
CA GLN A 73 13.29 -4.35 36.07
C GLN A 73 11.91 -3.73 36.01
N TRP A 74 11.61 -2.98 34.93
CA TRP A 74 10.31 -2.37 34.75
C TRP A 74 9.19 -3.44 34.73
N PHE A 75 9.42 -4.52 33.93
CA PHE A 75 8.52 -5.64 33.80
C PHE A 75 8.35 -6.39 35.13
N ARG A 76 9.42 -6.51 35.93
CA ARG A 76 9.34 -7.17 37.25
CA ARG A 76 9.36 -7.16 37.26
C ARG A 76 8.36 -6.42 38.15
N VAL A 77 8.47 -5.09 38.23
CA VAL A 77 7.59 -4.22 39.05
C VAL A 77 6.17 -4.19 38.44
N SER A 78 6.07 -4.09 37.09
CA SER A 78 4.75 -4.13 36.46
C SER A 78 4.04 -5.48 36.72
N LEU A 79 4.73 -6.65 36.61
CA LEU A 79 4.17 -8.00 36.89
C LEU A 79 3.55 -8.08 38.31
N ARG A 80 4.27 -7.54 39.31
CA ARG A 80 3.87 -7.47 40.71
C ARG A 80 2.62 -6.61 40.89
N ASN A 81 2.59 -5.42 40.25
CA ASN A 81 1.44 -4.51 40.29
C ASN A 81 0.16 -5.16 39.73
N LEU A 82 0.27 -5.86 38.58
CA LEU A 82 -0.83 -6.56 37.91
C LEU A 82 -1.38 -7.69 38.79
N LEU A 83 -0.47 -8.43 39.44
CA LEU A 83 -0.74 -9.53 40.36
C LEU A 83 -1.73 -9.08 41.45
N GLY A 84 -1.51 -7.88 41.99
CA GLY A 84 -2.36 -7.25 42.99
C GLY A 84 -3.70 -6.74 42.46
N TYR A 85 -3.73 -6.19 41.21
CA TYR A 85 -4.95 -5.70 40.55
C TYR A 85 -5.89 -6.88 40.34
N TYR A 86 -5.32 -8.03 39.93
CA TYR A 86 -6.06 -9.25 39.71
C TYR A 86 -6.18 -10.09 41.01
N ASN A 87 -5.93 -9.45 42.21
CA ASN A 87 -6.13 -9.87 43.62
C ASN A 87 -5.03 -10.57 44.46
N GLN A 88 -3.83 -10.87 43.88
CA GLN A 88 -2.82 -11.65 44.63
C GLN A 88 -1.43 -11.10 44.92
N SER A 89 -0.65 -11.97 45.60
CA SER A 89 0.72 -11.81 46.04
C SER A 89 1.63 -12.60 45.07
N ALA A 90 2.96 -12.52 45.30
CA ALA A 90 3.99 -13.18 44.49
C ALA A 90 3.91 -14.74 44.45
N GLY A 91 4.79 -15.35 43.64
CA GLY A 91 4.93 -16.81 43.55
C GLY A 91 4.48 -17.47 42.26
N GLY A 92 3.38 -16.96 41.69
CA GLY A 92 2.82 -17.49 40.47
C GLY A 92 3.62 -17.29 39.19
N SER A 93 3.29 -18.11 38.17
N SER A 93 3.30 -18.09 38.16
CA SER A 93 3.88 -18.08 36.83
CA SER A 93 3.93 -18.03 36.85
C SER A 93 2.98 -17.23 35.92
C SER A 93 3.02 -17.26 35.88
N HIS A 94 3.45 -16.05 35.52
CA HIS A 94 2.67 -15.12 34.70
C HIS A 94 3.44 -14.53 33.54
N THR A 95 2.71 -14.01 32.54
N THR A 95 2.72 -14.00 32.55
CA THR A 95 3.25 -13.42 31.33
CA THR A 95 3.32 -13.38 31.40
C THR A 95 2.81 -11.97 31.10
C THR A 95 2.84 -11.96 31.15
N LEU A 96 3.77 -11.10 30.78
CA LEU A 96 3.48 -9.72 30.42
C LEU A 96 4.16 -9.52 29.03
N GLN A 97 3.43 -9.00 28.06
CA GLN A 97 4.01 -8.80 26.74
C GLN A 97 3.78 -7.38 26.27
N GLN A 98 4.69 -6.89 25.43
CA GLN A 98 4.57 -5.56 24.87
C GLN A 98 4.95 -5.58 23.38
N MET A 99 4.20 -4.84 22.57
CA MET A 99 4.54 -4.62 21.15
C MET A 99 4.57 -3.10 20.96
N SER A 100 5.62 -2.60 20.34
CA SER A 100 5.75 -1.18 20.02
C SER A 100 6.55 -0.98 18.76
N GLY A 101 6.25 0.12 18.05
CA GLY A 101 6.96 0.46 16.83
C GLY A 101 6.23 1.41 15.91
N CYS A 102 6.64 1.46 14.65
CA CYS A 102 6.06 2.38 13.69
C CYS A 102 5.94 1.74 12.32
N ASP A 103 4.95 2.22 11.56
CA ASP A 103 4.75 1.83 10.18
C ASP A 103 5.06 3.01 9.29
N LEU A 104 5.75 2.75 8.19
CA LEU A 104 6.09 3.80 7.20
C LEU A 104 5.49 3.44 5.86
N GLY A 105 5.21 4.49 5.08
CA GLY A 105 4.76 4.32 3.71
C GLY A 105 5.94 4.12 2.78
N SER A 106 5.66 3.89 1.50
CA SER A 106 6.68 3.72 0.45
C SER A 106 7.52 5.01 0.27
N ASP A 107 7.00 6.16 0.74
CA ASP A 107 7.63 7.48 0.76
C ASP A 107 8.42 7.73 2.08
N TRP A 108 8.49 6.70 2.96
CA TRP A 108 9.19 6.68 4.27
C TRP A 108 8.58 7.58 5.35
N ARG A 109 7.39 8.11 5.07
CA ARG A 109 6.60 8.93 5.98
C ARG A 109 5.85 8.02 6.93
N LEU A 110 5.73 8.45 8.19
CA LEU A 110 5.04 7.76 9.27
C LEU A 110 3.61 7.52 8.92
N LEU A 111 3.17 6.25 8.98
CA LEU A 111 1.77 5.92 8.78
C LEU A 111 1.07 5.93 10.16
N ARG A 112 1.73 5.34 11.18
CA ARG A 112 1.25 5.28 12.55
C ARG A 112 2.28 4.71 13.50
N GLY A 113 2.16 5.14 14.75
CA GLY A 113 2.89 4.63 15.89
C GLY A 113 2.05 3.49 16.43
N TYR A 114 2.67 2.59 17.22
CA TYR A 114 1.96 1.41 17.72
C TYR A 114 2.49 1.03 19.11
N LEU A 115 1.58 0.78 20.06
CA LEU A 115 1.93 0.42 21.43
C LEU A 115 0.78 -0.32 22.10
N GLN A 116 1.04 -1.59 22.43
CA GLN A 116 0.06 -2.48 23.07
C GLN A 116 0.72 -3.34 24.16
N PHE A 117 -0.08 -3.78 25.13
CA PHE A 117 0.35 -4.70 26.18
C PHE A 117 -0.62 -5.86 26.32
N ALA A 118 -0.10 -7.00 26.73
CA ALA A 118 -0.93 -8.17 27.03
C ALA A 118 -0.50 -8.71 28.37
N TYR A 119 -1.48 -9.21 29.09
CA TYR A 119 -1.23 -9.88 30.35
C TYR A 119 -1.86 -11.26 30.18
N GLU A 120 -1.08 -12.32 30.46
CA GLU A 120 -1.51 -13.73 30.27
C GLU A 120 -1.97 -14.00 28.84
N GLY A 121 -1.30 -13.34 27.88
CA GLY A 121 -1.58 -13.47 26.47
C GLY A 121 -2.90 -12.88 26.00
N ARG A 122 -3.54 -12.05 26.83
CA ARG A 122 -4.81 -11.37 26.48
C ARG A 122 -4.60 -9.88 26.49
N ASP A 123 -5.30 -9.12 25.61
CA ASP A 123 -5.18 -7.66 25.56
C ASP A 123 -5.33 -7.08 26.97
N TYR A 124 -4.43 -6.15 27.35
CA TYR A 124 -4.45 -5.47 28.64
C TYR A 124 -4.70 -3.97 28.39
N ILE A 125 -3.76 -3.28 27.75
CA ILE A 125 -3.90 -1.87 27.46
C ILE A 125 -3.24 -1.53 26.12
N ALA A 126 -3.85 -0.64 25.36
CA ALA A 126 -3.30 -0.19 24.11
C ALA A 126 -3.29 1.31 24.04
N LEU A 127 -2.29 1.86 23.36
CA LEU A 127 -2.24 3.28 23.06
C LEU A 127 -3.05 3.38 21.77
N ASN A 128 -4.07 4.26 21.74
CA ASN A 128 -4.90 4.50 20.54
C ASN A 128 -4.04 5.16 19.46
N GLU A 129 -4.43 5.04 18.17
CA GLU A 129 -3.72 5.57 17.01
C GLU A 129 -3.42 7.09 17.06
N ASP A 130 -4.12 7.84 17.92
CA ASP A 130 -3.91 9.28 18.15
C ASP A 130 -2.61 9.48 18.95
N LEU A 131 -2.13 8.39 19.58
CA LEU A 131 -0.91 8.36 20.40
C LEU A 131 -1.06 9.29 21.60
N LYS A 132 -2.33 9.53 22.00
CA LYS A 132 -2.64 10.45 23.10
C LYS A 132 -3.51 9.85 24.15
N THR A 133 -4.41 8.94 23.74
CA THR A 133 -5.39 8.33 24.66
C THR A 133 -5.19 6.82 24.75
N TRP A 134 -5.73 6.23 25.82
CA TRP A 134 -5.54 4.80 26.08
C TRP A 134 -6.84 4.01 26.07
N THR A 135 -6.78 2.77 25.62
CA THR A 135 -7.95 1.84 25.69
C THR A 135 -7.56 0.68 26.60
N ALA A 136 -8.22 0.56 27.75
CA ALA A 136 -7.99 -0.55 28.68
C ALA A 136 -8.99 -1.68 28.33
N ALA A 137 -8.56 -2.94 28.44
CA ALA A 137 -9.38 -4.10 28.06
C ALA A 137 -10.36 -4.53 29.14
N ASP A 138 -10.04 -4.24 30.39
CA ASP A 138 -10.85 -4.67 31.50
C ASP A 138 -10.70 -3.74 32.68
N MET A 139 -11.29 -4.10 33.83
CA MET A 139 -11.27 -3.28 35.04
C MET A 139 -9.85 -3.04 35.60
N ALA A 140 -9.03 -4.10 35.66
CA ALA A 140 -7.66 -3.97 36.18
C ALA A 140 -6.83 -3.04 35.30
N ALA A 141 -6.95 -3.21 33.97
CA ALA A 141 -6.23 -2.38 33.00
C ALA A 141 -6.56 -0.91 33.15
N GLN A 142 -7.82 -0.59 33.54
CA GLN A 142 -8.29 0.79 33.73
C GLN A 142 -7.50 1.51 34.83
N ILE A 143 -7.06 0.77 35.87
CA ILE A 143 -6.18 1.26 36.92
C ILE A 143 -4.86 1.77 36.29
N THR A 144 -4.25 0.97 35.34
CA THR A 144 -3.05 1.41 34.63
C THR A 144 -3.38 2.62 33.77
N ARG A 145 -4.52 2.59 33.09
CA ARG A 145 -4.91 3.71 32.24
C ARG A 145 -4.89 5.06 33.02
N ARG A 146 -5.50 5.08 34.22
CA ARG A 146 -5.60 6.28 35.07
C ARG A 146 -4.22 6.69 35.58
N LYS A 147 -3.38 5.72 35.97
CA LYS A 147 -2.01 5.97 36.41
C LYS A 147 -1.22 6.64 35.29
N TRP A 148 -1.37 6.11 34.06
CA TRP A 148 -0.68 6.60 32.88
C TRP A 148 -1.21 7.93 32.38
N GLU A 149 -2.50 8.17 32.57
CA GLU A 149 -3.14 9.45 32.20
C GLU A 149 -2.63 10.53 33.19
N GLN A 150 -2.54 10.18 34.47
CA GLN A 150 -2.03 11.09 35.50
C GLN A 150 -0.57 11.44 35.30
N SER A 151 0.29 10.47 34.94
CA SER A 151 1.73 10.71 34.75
C SER A 151 2.12 11.22 33.35
N GLY A 152 1.14 11.33 32.46
CA GLY A 152 1.31 11.75 31.07
C GLY A 152 2.17 10.79 30.26
N ALA A 153 2.09 9.47 30.55
CA ALA A 153 2.92 8.45 29.88
C ALA A 153 2.85 8.46 28.36
N ALA A 154 1.65 8.71 27.77
CA ALA A 154 1.42 8.71 26.31
C ALA A 154 2.34 9.64 25.54
N GLU A 155 2.65 10.79 26.14
CA GLU A 155 3.50 11.83 25.54
C GLU A 155 4.90 11.31 25.24
N ALA A 156 5.55 10.63 26.21
CA ALA A 156 6.89 10.07 25.98
C ALA A 156 6.80 8.92 24.93
N TYR A 157 5.69 8.15 24.92
CA TYR A 157 5.54 7.09 23.90
C TYR A 157 5.43 7.71 22.52
N LYS A 158 4.59 8.74 22.37
CA LYS A 158 4.38 9.45 21.10
C LYS A 158 5.71 10.01 20.57
N ALA A 159 6.52 10.60 21.49
CA ALA A 159 7.84 11.17 21.15
C ALA A 159 8.75 10.09 20.56
N TYR A 160 8.79 8.90 21.17
CA TYR A 160 9.61 7.82 20.61
C TYR A 160 9.05 7.31 19.29
N LEU A 161 7.75 7.01 19.24
CA LEU A 161 7.09 6.42 18.05
C LEU A 161 7.19 7.24 16.76
N GLU A 162 7.03 8.56 16.88
CA GLU A 162 7.09 9.49 15.77
C GLU A 162 8.50 10.00 15.51
N GLY A 163 9.37 9.90 16.51
CA GLY A 163 10.73 10.43 16.42
C GLY A 163 11.78 9.37 16.28
N GLU A 164 12.40 8.99 17.39
CA GLU A 164 13.43 7.94 17.47
C GLU A 164 13.11 6.68 16.66
N CYS A 165 11.87 6.18 16.74
CA CYS A 165 11.47 4.95 16.02
C CYS A 165 11.63 5.11 14.48
N VAL A 166 11.11 6.20 13.93
CA VAL A 166 11.18 6.56 12.52
C VAL A 166 12.65 6.80 12.09
N GLU A 167 13.40 7.62 12.87
CA GLU A 167 14.76 7.89 12.46
CA GLU A 167 14.81 7.93 12.62
C GLU A 167 15.66 6.65 12.47
N TRP A 168 15.51 5.74 13.43
CA TRP A 168 16.25 4.47 13.45
C TRP A 168 15.81 3.54 12.35
N LEU A 169 14.50 3.44 12.08
CA LEU A 169 13.99 2.59 10.97
C LEU A 169 14.58 3.09 9.62
N HIS A 170 14.60 4.43 9.38
CA HIS A 170 15.21 5.05 8.19
C HIS A 170 16.66 4.58 8.03
N ARG A 171 17.43 4.62 9.13
CA ARG A 171 18.83 4.17 9.20
C ARG A 171 18.95 2.69 8.89
N TYR A 172 18.07 1.87 9.52
CA TYR A 172 18.09 0.41 9.28
C TYR A 172 17.80 0.07 7.83
N LEU A 173 16.83 0.78 7.23
CA LEU A 173 16.40 0.61 5.83
C LEU A 173 17.54 0.96 4.87
N LYS A 174 18.32 2.02 5.19
CA LYS A 174 19.48 2.46 4.42
C LYS A 174 20.57 1.41 4.58
N ASN A 175 20.91 1.01 5.84
CA ASN A 175 21.97 0.03 6.12
C ASN A 175 21.72 -1.39 5.60
N GLY A 176 20.46 -1.76 5.46
CA GLY A 176 20.09 -3.08 4.99
C GLY A 176 19.38 -3.08 3.65
N ASN A 177 19.68 -2.08 2.79
CA ASN A 177 19.06 -1.89 1.47
C ASN A 177 19.10 -3.10 0.55
N ALA A 178 20.30 -3.65 0.28
CA ALA A 178 20.53 -4.83 -0.57
C ALA A 178 19.84 -6.10 -0.04
N THR A 179 19.59 -6.17 1.29
CA THR A 179 18.95 -7.30 1.96
C THR A 179 17.40 -7.14 2.01
N LEU A 180 16.92 -6.00 2.55
CA LEU A 180 15.51 -5.68 2.73
C LEU A 180 14.65 -5.54 1.47
N LEU A 181 15.23 -5.07 0.36
CA LEU A 181 14.48 -4.88 -0.89
C LEU A 181 14.28 -6.19 -1.67
N ARG A 182 15.08 -7.23 -1.34
CA ARG A 182 15.10 -8.55 -1.97
C ARG A 182 13.76 -9.27 -1.82
N THR A 183 13.32 -9.90 -2.90
CA THR A 183 12.16 -10.76 -2.92
C THR A 183 12.62 -12.12 -3.48
N ASP A 184 11.91 -13.18 -3.09
CA ASP A 184 12.16 -14.52 -3.62
C ASP A 184 10.86 -14.94 -4.24
N SER A 185 10.89 -15.17 -5.55
CA SER A 185 9.73 -15.58 -6.30
C SER A 185 9.31 -16.99 -5.89
N PRO A 186 7.99 -17.24 -5.84
CA PRO A 186 7.55 -18.61 -5.57
C PRO A 186 7.76 -19.49 -6.81
N LYS A 187 8.06 -20.75 -6.56
CA LYS A 187 8.16 -21.77 -7.61
C LYS A 187 6.97 -22.66 -7.36
N ALA A 188 6.13 -22.78 -8.36
CA ALA A 188 4.89 -23.52 -8.20
C ALA A 188 4.84 -24.80 -9.02
N HIS A 189 4.06 -25.78 -8.54
CA HIS A 189 3.80 -27.05 -9.24
C HIS A 189 2.48 -27.59 -8.70
N VAL A 190 1.83 -28.49 -9.46
CA VAL A 190 0.57 -29.10 -9.06
C VAL A 190 0.77 -30.59 -8.84
N THR A 191 0.28 -31.12 -7.72
CA THR A 191 0.34 -32.57 -7.39
C THR A 191 -1.07 -33.14 -7.54
N HIS A 192 -1.14 -34.45 -7.82
CA HIS A 192 -2.39 -35.12 -8.20
C HIS A 192 -2.63 -36.28 -7.24
N HIS A 193 -3.74 -36.21 -6.44
CA HIS A 193 -4.02 -37.21 -5.42
C HIS A 193 -5.39 -37.89 -5.57
N PRO A 194 -5.45 -38.94 -6.46
CA PRO A 194 -6.71 -39.71 -6.62
C PRO A 194 -7.30 -40.16 -5.30
N ARG A 195 -8.61 -39.97 -5.13
CA ARG A 195 -9.31 -40.32 -3.90
C ARG A 195 -10.61 -41.12 -4.22
N SER A 196 -11.57 -41.14 -3.30
CA SER A 196 -12.83 -41.85 -3.46
C SER A 196 -13.77 -41.14 -4.46
N LYS A 197 -14.93 -41.79 -4.77
CA LYS A 197 -16.04 -41.29 -5.60
C LYS A 197 -15.63 -40.84 -7.01
N GLY A 198 -14.53 -41.41 -7.53
CA GLY A 198 -14.00 -41.03 -8.83
C GLY A 198 -13.40 -39.62 -8.83
N GLU A 199 -13.06 -39.12 -7.63
CA GLU A 199 -12.49 -37.79 -7.46
C GLU A 199 -10.97 -37.76 -7.24
N VAL A 200 -10.38 -36.57 -7.43
CA VAL A 200 -8.94 -36.38 -7.32
C VAL A 200 -8.61 -35.03 -6.68
N THR A 201 -7.71 -35.03 -5.69
CA THR A 201 -7.27 -33.76 -5.10
C THR A 201 -6.18 -33.18 -6.01
N LEU A 202 -6.38 -31.95 -6.47
CA LEU A 202 -5.36 -31.22 -7.20
C LEU A 202 -4.79 -30.23 -6.18
N ARG A 203 -3.49 -30.34 -5.88
CA ARG A 203 -2.83 -29.50 -4.88
C ARG A 203 -1.84 -28.57 -5.54
N CYS A 204 -2.05 -27.28 -5.37
CA CYS A 204 -1.13 -26.30 -5.93
C CYS A 204 -0.16 -25.76 -4.91
N TRP A 205 1.14 -26.04 -5.11
CA TRP A 205 2.22 -25.67 -4.20
C TRP A 205 2.94 -24.42 -4.63
N ALA A 206 3.27 -23.57 -3.67
CA ALA A 206 4.06 -22.38 -3.89
C ALA A 206 5.18 -22.54 -2.89
N LEU A 207 6.44 -22.66 -3.38
CA LEU A 207 7.59 -22.86 -2.50
C LEU A 207 8.68 -21.83 -2.76
N GLY A 208 9.49 -21.59 -1.76
CA GLY A 208 10.66 -20.73 -1.83
C GLY A 208 10.42 -19.24 -1.93
N PHE A 209 9.25 -18.75 -1.51
CA PHE A 209 8.96 -17.32 -1.64
C PHE A 209 9.30 -16.44 -0.43
N TYR A 210 9.60 -15.16 -0.68
CA TYR A 210 9.84 -14.11 0.32
C TYR A 210 9.45 -12.75 -0.29
N PRO A 211 8.62 -11.88 0.33
CA PRO A 211 7.96 -11.97 1.66
C PRO A 211 6.91 -13.07 1.79
N ALA A 212 6.37 -13.25 2.99
CA ALA A 212 5.39 -14.29 3.31
C ALA A 212 4.03 -14.13 2.59
N ASP A 213 3.66 -12.88 2.27
CA ASP A 213 2.37 -12.56 1.65
C ASP A 213 2.24 -13.16 0.25
N ILE A 214 1.20 -13.94 0.03
CA ILE A 214 0.93 -14.64 -1.24
C ILE A 214 -0.56 -14.93 -1.36
N THR A 215 -1.02 -15.19 -2.58
CA THR A 215 -2.39 -15.58 -2.87
C THR A 215 -2.36 -16.65 -3.92
N LEU A 216 -3.03 -17.77 -3.62
CA LEU A 216 -3.20 -18.90 -4.52
C LEU A 216 -4.68 -19.01 -4.80
N THR A 217 -5.03 -19.17 -6.08
CA THR A 217 -6.42 -19.30 -6.48
C THR A 217 -6.58 -20.50 -7.40
N TRP A 218 -7.77 -21.11 -7.37
CA TRP A 218 -8.09 -22.19 -8.28
C TRP A 218 -9.27 -21.71 -9.14
N GLN A 219 -9.26 -22.01 -10.45
CA GLN A 219 -10.33 -21.62 -11.38
C GLN A 219 -10.84 -22.79 -12.24
N LEU A 220 -12.17 -22.86 -12.43
CA LEU A 220 -12.78 -23.83 -13.35
C LEU A 220 -13.18 -23.03 -14.59
N ASN A 221 -12.39 -23.19 -15.68
CA ASN A 221 -12.51 -22.49 -16.97
C ASN A 221 -12.80 -20.96 -16.81
N GLY A 222 -11.99 -20.31 -15.96
CA GLY A 222 -12.09 -18.87 -15.69
C GLY A 222 -12.83 -18.43 -14.43
N GLU A 223 -13.58 -19.35 -13.79
CA GLU A 223 -14.34 -19.03 -12.57
C GLU A 223 -13.60 -19.46 -11.29
N GLU A 224 -13.25 -18.49 -10.42
CA GLU A 224 -12.56 -18.73 -9.14
C GLU A 224 -13.41 -19.52 -8.12
N LEU A 225 -12.76 -20.48 -7.43
CA LEU A 225 -13.36 -21.38 -6.45
C LEU A 225 -13.31 -20.83 -5.01
N THR A 226 -14.49 -20.75 -4.36
CA THR A 226 -14.71 -20.17 -3.03
C THR A 226 -14.25 -21.06 -1.82
N GLN A 227 -15.21 -21.43 -0.91
CA GLN A 227 -15.00 -22.26 0.28
C GLN A 227 -14.60 -23.70 -0.09
N ASP A 228 -14.88 -24.09 -1.35
CA ASP A 228 -14.58 -25.38 -1.97
C ASP A 228 -13.06 -25.71 -1.89
N MET A 229 -12.22 -24.66 -1.89
CA MET A 229 -10.76 -24.73 -1.89
C MET A 229 -10.18 -24.88 -0.48
N GLU A 230 -9.28 -25.88 -0.27
CA GLU A 230 -8.62 -26.11 1.00
C GLU A 230 -7.20 -25.51 0.95
N LEU A 231 -6.78 -24.83 2.02
CA LEU A 231 -5.45 -24.24 2.08
C LEU A 231 -4.78 -24.31 3.46
N VAL A 232 -3.44 -24.52 3.48
CA VAL A 232 -2.70 -24.54 4.74
C VAL A 232 -2.29 -23.12 5.09
N GLU A 233 -2.04 -22.85 6.36
CA GLU A 233 -1.46 -21.61 6.80
C GLU A 233 -0.05 -21.54 6.18
N THR A 234 0.36 -20.34 5.71
CA THR A 234 1.70 -20.05 5.20
C THR A 234 2.72 -20.45 6.28
N ARG A 235 3.72 -21.22 5.88
CA ARG A 235 4.66 -21.77 6.85
C ARG A 235 6.11 -21.52 6.47
N PRO A 236 7.01 -21.26 7.45
CA PRO A 236 8.43 -21.03 7.11
C PRO A 236 9.13 -22.31 6.62
N ALA A 237 9.90 -22.19 5.56
CA ALA A 237 10.67 -23.33 5.05
C ALA A 237 11.92 -23.57 5.94
N GLY A 238 12.30 -22.54 6.72
CA GLY A 238 13.42 -22.57 7.66
C GLY A 238 14.70 -21.91 7.15
N ASP A 239 14.75 -21.59 5.85
CA ASP A 239 15.88 -20.99 5.14
C ASP A 239 15.61 -19.49 4.79
N GLY A 240 14.61 -18.90 5.42
CA GLY A 240 14.20 -17.52 5.16
C GLY A 240 13.03 -17.40 4.21
N THR A 241 12.68 -18.48 3.49
CA THR A 241 11.57 -18.48 2.53
C THR A 241 10.30 -19.12 3.14
N PHE A 242 9.18 -19.05 2.41
CA PHE A 242 7.93 -19.61 2.86
C PHE A 242 7.34 -20.52 1.86
N GLN A 243 6.34 -21.29 2.32
CA GLN A 243 5.58 -22.26 1.53
C GLN A 243 4.11 -22.07 1.78
N LYS A 244 3.32 -22.52 0.81
CA LYS A 244 1.88 -22.57 0.95
C LYS A 244 1.31 -23.47 -0.09
N TRP A 245 0.19 -24.10 0.24
CA TRP A 245 -0.50 -24.87 -0.77
C TRP A 245 -2.02 -24.63 -0.72
N ALA A 246 -2.68 -24.78 -1.87
CA ALA A 246 -4.13 -24.67 -2.04
C ALA A 246 -4.58 -25.86 -2.86
N SER A 247 -5.55 -26.58 -2.35
CA SER A 247 -6.06 -27.72 -3.09
C SER A 247 -7.57 -27.62 -3.38
N VAL A 248 -7.98 -28.33 -4.44
CA VAL A 248 -9.38 -28.51 -4.84
C VAL A 248 -9.60 -30.03 -5.13
N VAL A 249 -10.83 -30.51 -4.92
CA VAL A 249 -11.24 -31.89 -5.21
C VAL A 249 -12.04 -31.81 -6.53
N VAL A 250 -11.53 -32.46 -7.58
CA VAL A 250 -12.15 -32.40 -8.92
C VAL A 250 -12.45 -33.82 -9.45
N PRO A 251 -13.32 -33.99 -10.49
CA PRO A 251 -13.55 -35.35 -11.02
C PRO A 251 -12.35 -35.83 -11.85
N LEU A 252 -12.00 -37.14 -11.74
CA LEU A 252 -10.95 -37.74 -12.55
C LEU A 252 -11.33 -37.67 -14.04
N GLY A 253 -10.40 -37.19 -14.85
CA GLY A 253 -10.60 -37.02 -16.28
C GLY A 253 -10.91 -35.59 -16.68
N LYS A 254 -11.26 -34.73 -15.70
CA LYS A 254 -11.61 -33.31 -15.89
C LYS A 254 -10.55 -32.30 -15.36
N GLU A 255 -9.38 -32.79 -14.91
CA GLU A 255 -8.26 -32.03 -14.30
C GLU A 255 -7.78 -30.88 -15.15
N GLN A 256 -7.73 -31.08 -16.49
CA GLN A 256 -7.26 -30.10 -17.47
C GLN A 256 -8.13 -28.82 -17.55
N ASN A 257 -9.35 -28.85 -16.95
CA ASN A 257 -10.27 -27.70 -16.88
C ASN A 257 -9.96 -26.78 -15.68
N TYR A 258 -8.99 -27.17 -14.85
CA TYR A 258 -8.65 -26.39 -13.66
C TYR A 258 -7.30 -25.73 -13.78
N THR A 259 -7.22 -24.46 -13.36
CA THR A 259 -5.98 -23.70 -13.39
C THR A 259 -5.72 -23.10 -12.05
N CYS A 260 -4.46 -23.18 -11.64
CA CYS A 260 -4.05 -22.53 -10.44
C CYS A 260 -3.33 -21.26 -10.81
N ARG A 261 -3.52 -20.23 -10.00
CA ARG A 261 -2.82 -18.96 -10.20
C ARG A 261 -2.13 -18.57 -8.92
N VAL A 262 -0.94 -18.04 -9.06
CA VAL A 262 -0.12 -17.63 -7.92
C VAL A 262 0.23 -16.16 -8.05
N TYR A 263 -0.13 -15.37 -7.02
CA TYR A 263 0.12 -13.92 -6.96
C TYR A 263 1.13 -13.63 -5.88
N HIS A 264 2.22 -12.97 -6.26
CA HIS A 264 3.28 -12.65 -5.32
C HIS A 264 4.03 -11.47 -5.89
N GLU A 265 4.41 -10.54 -5.01
CA GLU A 265 5.10 -9.29 -5.36
C GLU A 265 6.45 -9.49 -6.02
N GLY A 266 7.10 -10.61 -5.67
CA GLY A 266 8.39 -10.99 -6.21
C GLY A 266 8.36 -11.45 -7.66
N LEU A 267 7.17 -11.79 -8.19
CA LEU A 267 7.10 -12.30 -9.57
C LEU A 267 7.06 -11.19 -10.64
N PRO A 268 7.68 -11.40 -11.84
CA PRO A 268 7.51 -10.42 -12.95
C PRO A 268 6.03 -10.30 -13.39
N GLU A 269 5.29 -11.41 -13.31
CA GLU A 269 3.83 -11.50 -13.49
C GLU A 269 3.26 -12.77 -12.78
N PRO A 270 1.95 -12.85 -12.52
CA PRO A 270 1.36 -14.00 -11.83
C PRO A 270 1.59 -15.28 -12.55
N LEU A 271 1.83 -16.35 -11.83
CA LEU A 271 1.90 -17.67 -12.43
C LEU A 271 0.52 -18.21 -12.71
N THR A 272 0.43 -19.01 -13.76
CA THR A 272 -0.72 -19.78 -14.13
C THR A 272 -0.22 -21.21 -14.37
N LEU A 273 -0.83 -22.19 -13.76
CA LEU A 273 -0.40 -23.56 -13.95
C LEU A 273 -1.53 -24.58 -13.89
N ARG A 274 -1.28 -25.74 -14.50
CA ARG A 274 -2.24 -26.82 -14.69
C ARG A 274 -1.60 -28.12 -14.23
N TRP A 275 -2.40 -29.13 -13.87
CA TRP A 275 -1.81 -30.39 -13.49
C TRP A 275 -1.18 -30.96 -14.73
N GLU A 276 0.07 -31.37 -14.63
CA GLU A 276 0.79 -31.85 -15.78
C GLU A 276 1.06 -33.31 -15.61
N PRO A 277 0.44 -34.11 -16.46
CA PRO A 277 0.69 -35.54 -16.52
C PRO A 277 2.05 -35.91 -17.08
N PRO A 278 2.47 -37.12 -16.70
CA PRO A 278 3.84 -37.65 -16.62
C PRO A 278 4.99 -37.16 -17.50
N MET B 1 -5.84 -21.98 34.63
CA MET B 1 -5.26 -20.75 34.06
C MET B 1 -5.49 -20.56 32.54
N ILE B 2 -5.13 -19.36 31.98
CA ILE B 2 -5.30 -19.02 30.56
C ILE B 2 -4.39 -19.90 29.69
N GLN B 3 -4.99 -20.70 28.79
CA GLN B 3 -4.24 -21.63 27.94
C GLN B 3 -4.77 -21.66 26.52
N LYS B 4 -3.85 -21.68 25.55
CA LYS B 4 -4.14 -21.78 24.12
C LYS B 4 -3.43 -23.00 23.61
N THR B 5 -4.18 -23.93 22.98
CA THR B 5 -3.66 -25.19 22.45
C THR B 5 -2.78 -24.95 21.23
N PRO B 6 -1.59 -25.56 21.15
CA PRO B 6 -0.76 -25.38 19.95
C PRO B 6 -1.33 -26.01 18.68
N GLN B 7 -1.15 -25.33 17.55
CA GLN B 7 -1.52 -25.87 16.25
C GLN B 7 -0.20 -26.40 15.70
N ILE B 8 -0.22 -27.53 14.99
CA ILE B 8 1.00 -28.15 14.50
C ILE B 8 0.95 -28.41 13.03
N GLN B 9 2.08 -28.12 12.34
CA GLN B 9 2.31 -28.50 10.96
C GLN B 9 3.67 -29.20 10.93
N VAL B 10 3.72 -30.32 10.20
CA VAL B 10 4.90 -31.17 9.93
C VAL B 10 5.04 -31.30 8.45
N TYR B 11 6.22 -30.90 7.95
CA TYR B 11 6.50 -30.78 6.54
C TYR B 11 7.99 -30.66 6.24
N SER B 12 8.36 -31.00 5.00
CA SER B 12 9.74 -30.94 4.54
C SER B 12 10.04 -29.58 3.92
N ARG B 13 11.30 -29.14 4.04
CA ARG B 13 11.74 -27.85 3.47
C ARG B 13 11.62 -27.93 1.92
N HIS B 14 11.99 -29.09 1.34
CA HIS B 14 11.99 -29.32 -0.10
C HIS B 14 11.04 -30.46 -0.45
N PRO B 15 10.49 -30.51 -1.71
CA PRO B 15 9.67 -31.68 -2.10
C PRO B 15 10.45 -32.97 -1.87
N PRO B 16 9.88 -33.96 -1.17
CA PRO B 16 10.68 -35.13 -0.81
C PRO B 16 10.95 -36.10 -1.94
N GLU B 17 12.13 -36.68 -1.89
CA GLU B 17 12.58 -37.72 -2.80
C GLU B 17 13.33 -38.69 -1.94
N ASN B 18 12.88 -39.97 -1.95
CA ASN B 18 13.57 -41.01 -1.19
C ASN B 18 15.06 -41.03 -1.54
N GLY B 19 15.89 -41.09 -0.51
CA GLY B 19 17.34 -41.13 -0.66
C GLY B 19 18.04 -39.79 -0.81
N LYS B 20 17.27 -38.68 -0.98
CA LYS B 20 17.86 -37.36 -1.09
C LYS B 20 17.77 -36.59 0.23
N PRO B 21 18.87 -35.93 0.68
CA PRO B 21 18.81 -35.17 1.94
C PRO B 21 17.84 -34.00 1.91
N ASN B 22 17.21 -33.76 3.05
CA ASN B 22 16.19 -32.73 3.15
C ASN B 22 16.19 -32.23 4.60
N ILE B 23 15.17 -31.44 4.98
CA ILE B 23 15.00 -30.89 6.33
C ILE B 23 13.53 -31.04 6.67
N LEU B 24 13.26 -31.65 7.81
CA LEU B 24 11.92 -31.85 8.30
C LEU B 24 11.60 -30.76 9.32
N ASN B 25 10.51 -30.03 9.09
CA ASN B 25 10.08 -28.94 9.96
C ASN B 25 8.91 -29.33 10.79
N CYS B 26 8.89 -28.84 12.03
CA CYS B 26 7.71 -28.95 12.88
C CYS B 26 7.44 -27.56 13.42
N TYR B 27 6.41 -26.93 12.86
CA TYR B 27 6.01 -25.55 13.09
C TYR B 27 4.82 -25.54 14.04
N VAL B 28 5.07 -25.07 15.28
CA VAL B 28 4.13 -25.08 16.38
C VAL B 28 3.73 -23.64 16.71
N THR B 29 2.42 -23.33 16.57
CA THR B 29 1.93 -21.96 16.70
C THR B 29 0.72 -21.87 17.61
N GLN B 30 0.29 -20.64 17.85
CA GLN B 30 -0.97 -20.34 18.54
C GLN B 30 -1.05 -20.87 19.99
N PHE B 31 0.09 -21.04 20.69
CA PHE B 31 0.05 -21.51 22.07
C PHE B 31 0.35 -20.44 23.13
N HIS B 32 -0.10 -20.75 24.34
CA HIS B 32 0.09 -19.96 25.55
C HIS B 32 -0.13 -20.89 26.74
N PRO B 33 0.73 -20.93 27.79
CA PRO B 33 1.92 -20.10 28.05
C PRO B 33 3.12 -20.43 27.14
N PRO B 34 4.21 -19.62 27.13
CA PRO B 34 5.33 -19.94 26.22
C PRO B 34 6.09 -21.26 26.42
N HIS B 35 6.11 -21.85 27.64
CA HIS B 35 6.79 -23.13 27.89
C HIS B 35 6.21 -24.28 27.09
N ILE B 36 7.07 -24.99 26.34
CA ILE B 36 6.61 -26.11 25.51
C ILE B 36 7.74 -27.10 25.33
N GLU B 37 7.37 -28.35 25.07
CA GLU B 37 8.33 -29.41 24.81
C GLU B 37 8.00 -30.02 23.45
N ILE B 38 8.96 -29.98 22.54
CA ILE B 38 8.76 -30.52 21.22
C ILE B 38 9.80 -31.60 20.96
N GLN B 39 9.36 -32.78 20.55
CA GLN B 39 10.29 -33.82 20.12
C GLN B 39 10.05 -34.15 18.66
N MET B 40 11.07 -34.59 17.97
CA MET B 40 10.89 -35.03 16.58
C MET B 40 11.25 -36.52 16.57
N LEU B 41 10.41 -37.33 15.92
CA LEU B 41 10.56 -38.79 15.91
C LEU B 41 10.72 -39.40 14.55
N LYS B 42 11.63 -40.40 14.45
CA LYS B 42 11.87 -41.17 13.23
C LYS B 42 11.51 -42.62 13.61
N ASN B 43 10.52 -43.22 12.91
CA ASN B 43 10.05 -44.58 13.20
C ASN B 43 9.62 -44.76 14.67
N GLY B 44 9.05 -43.70 15.23
CA GLY B 44 8.59 -43.69 16.62
C GLY B 44 9.70 -43.55 17.63
N LYS B 45 10.90 -43.19 17.16
CA LYS B 45 12.05 -43.02 18.02
C LYS B 45 12.54 -41.60 17.96
N LYS B 46 12.81 -41.04 19.15
CA LYS B 46 13.30 -39.68 19.33
C LYS B 46 14.54 -39.42 18.49
N ILE B 47 14.50 -38.34 17.69
CA ILE B 47 15.65 -37.90 16.91
C ILE B 47 16.50 -37.06 17.89
N PRO B 48 17.77 -37.43 18.10
CA PRO B 48 18.64 -36.63 18.99
C PRO B 48 18.98 -35.21 18.54
N LYS B 49 19.32 -35.02 17.25
CA LYS B 49 19.74 -33.69 16.77
C LYS B 49 18.56 -32.90 16.21
N VAL B 50 17.90 -32.11 17.10
CA VAL B 50 16.75 -31.27 16.74
C VAL B 50 17.00 -29.82 17.12
N GLU B 51 17.03 -28.96 16.11
CA GLU B 51 17.21 -27.53 16.26
C GLU B 51 15.85 -26.87 16.61
N MET B 52 15.87 -25.84 17.45
CA MET B 52 14.65 -25.11 17.86
C MET B 52 14.90 -23.65 17.61
N SER B 53 13.93 -22.96 17.00
CA SER B 53 14.05 -21.53 16.87
C SER B 53 13.89 -20.90 18.31
N ASP B 54 14.29 -19.65 18.44
CA ASP B 54 14.16 -18.92 19.69
C ASP B 54 12.72 -18.48 19.94
N MET B 55 12.35 -18.29 21.21
CA MET B 55 11.04 -17.88 21.64
C MET B 55 10.57 -16.63 20.88
N SER B 56 9.43 -16.74 20.17
CA SER B 56 8.81 -15.62 19.48
C SER B 56 7.30 -15.62 19.63
N PHE B 57 6.67 -14.48 19.44
CA PHE B 57 5.23 -14.37 19.52
C PHE B 57 4.68 -13.55 18.37
N SER B 58 3.45 -13.83 17.96
CA SER B 58 2.75 -13.15 16.87
C SER B 58 1.95 -12.00 17.41
N LYS B 59 1.41 -11.16 16.48
CA LYS B 59 0.58 -9.99 16.74
C LYS B 59 -0.62 -10.28 17.67
N ASP B 60 -1.15 -11.50 17.58
CA ASP B 60 -2.28 -11.92 18.41
C ASP B 60 -1.82 -12.37 19.81
N TRP B 61 -0.50 -12.18 20.13
CA TRP B 61 0.17 -12.47 21.42
C TRP B 61 0.62 -13.92 21.59
N SER B 62 0.08 -14.81 20.75
CA SER B 62 0.37 -16.24 20.88
C SER B 62 1.79 -16.54 20.43
N PHE B 63 2.42 -17.49 21.09
CA PHE B 63 3.78 -17.96 20.85
C PHE B 63 3.83 -18.97 19.72
N TYR B 64 5.01 -19.07 19.11
CA TYR B 64 5.31 -19.97 18.02
C TYR B 64 6.78 -20.40 18.04
N ILE B 65 7.07 -21.63 17.56
CA ILE B 65 8.42 -22.22 17.49
C ILE B 65 8.50 -23.05 16.23
N LEU B 66 9.68 -23.01 15.59
CA LEU B 66 9.97 -23.88 14.49
C LEU B 66 11.06 -24.85 14.95
N ALA B 67 10.70 -26.14 15.07
CA ALA B 67 11.68 -27.18 15.37
C ALA B 67 12.08 -27.79 14.00
N HIS B 68 13.38 -28.19 13.84
CA HIS B 68 13.80 -28.85 12.60
C HIS B 68 14.93 -29.82 12.77
N THR B 69 15.05 -30.70 11.77
CA THR B 69 16.12 -31.67 11.75
C THR B 69 16.42 -32.02 10.32
N GLU B 70 17.68 -32.34 10.04
CA GLU B 70 18.07 -32.90 8.75
C GLU B 70 17.46 -34.30 8.63
N PHE B 71 17.10 -34.71 7.43
CA PHE B 71 16.61 -36.07 7.23
C PHE B 71 16.75 -36.51 5.78
N THR B 72 16.90 -37.81 5.58
CA THR B 72 16.99 -38.38 4.24
C THR B 72 15.87 -39.39 4.22
N PRO B 73 14.70 -39.04 3.63
CA PRO B 73 13.56 -39.98 3.68
C PRO B 73 13.76 -41.20 2.79
N THR B 74 13.14 -42.31 3.21
CA THR B 74 13.15 -43.57 2.49
C THR B 74 11.70 -44.08 2.39
N GLU B 75 11.48 -45.08 1.52
CA GLU B 75 10.18 -45.71 1.26
CA GLU B 75 10.14 -45.60 1.31
C GLU B 75 9.49 -46.10 2.58
N THR B 76 10.24 -46.75 3.48
CA THR B 76 9.79 -47.36 4.73
C THR B 76 9.76 -46.51 6.00
N ASP B 77 10.58 -45.44 6.07
CA ASP B 77 10.62 -44.61 7.27
C ASP B 77 9.38 -43.74 7.46
N THR B 78 8.99 -43.51 8.72
CA THR B 78 7.90 -42.57 9.06
C THR B 78 8.54 -41.53 9.98
N TYR B 79 8.01 -40.34 9.97
CA TYR B 79 8.54 -39.24 10.79
C TYR B 79 7.36 -38.59 11.45
N ALA B 80 7.60 -38.07 12.67
CA ALA B 80 6.54 -37.40 13.41
C ALA B 80 7.10 -36.28 14.26
N CYS B 81 6.16 -35.46 14.77
CA CYS B 81 6.43 -34.43 15.73
C CYS B 81 5.54 -34.63 16.91
N ARG B 82 6.10 -34.58 18.13
CA ARG B 82 5.34 -34.76 19.38
C ARG B 82 5.48 -33.54 20.24
N VAL B 83 4.33 -32.99 20.61
CA VAL B 83 4.26 -31.75 21.38
C VAL B 83 3.60 -31.99 22.75
N LYS B 84 4.27 -31.52 23.82
CA LYS B 84 3.81 -31.57 25.21
C LYS B 84 3.58 -30.11 25.67
N HIS B 85 2.34 -29.78 26.07
CA HIS B 85 1.97 -28.43 26.47
C HIS B 85 0.88 -28.41 27.55
N ALA B 86 0.92 -27.37 28.42
CA ALA B 86 0.00 -27.20 29.54
C ALA B 86 -1.48 -27.30 29.17
N SER B 87 -1.83 -26.82 27.97
CA SER B 87 -3.18 -26.80 27.44
C SER B 87 -3.68 -28.23 27.12
N MET B 88 -2.77 -29.21 26.96
CA MET B 88 -3.09 -30.57 26.55
C MET B 88 -2.92 -31.61 27.65
N ALA B 89 -3.95 -32.49 27.84
CA ALA B 89 -3.91 -33.54 28.88
C ALA B 89 -2.84 -34.57 28.60
N GLU B 90 -2.57 -34.81 27.30
CA GLU B 90 -1.57 -35.74 26.81
C GLU B 90 -0.75 -35.13 25.64
N PRO B 91 0.50 -35.62 25.42
CA PRO B 91 1.27 -35.13 24.26
C PRO B 91 0.53 -35.37 22.94
N LYS B 92 0.71 -34.48 21.99
CA LYS B 92 0.08 -34.67 20.67
C LYS B 92 1.17 -34.99 19.63
N THR B 93 1.00 -36.09 18.89
CA THR B 93 1.88 -36.53 17.80
C THR B 93 1.22 -36.30 16.46
N VAL B 94 1.92 -35.61 15.55
CA VAL B 94 1.45 -35.38 14.20
C VAL B 94 2.46 -36.03 13.25
N TYR B 95 1.98 -36.96 12.42
CA TYR B 95 2.81 -37.61 11.43
C TYR B 95 3.07 -36.76 10.20
N TRP B 96 4.27 -36.89 9.66
CA TRP B 96 4.59 -36.22 8.40
C TRP B 96 3.87 -36.96 7.31
N ASP B 97 3.16 -36.22 6.47
CA ASP B 97 2.51 -36.75 5.28
C ASP B 97 3.21 -36.04 4.13
N ARG B 98 3.91 -36.82 3.28
N ARG B 98 3.87 -36.84 3.27
CA ARG B 98 4.64 -36.23 2.14
CA ARG B 98 4.62 -36.39 2.08
C ARG B 98 3.77 -35.48 1.11
C ARG B 98 3.78 -35.58 1.08
N ASP B 99 2.45 -35.71 1.11
CA ASP B 99 1.53 -34.99 0.21
C ASP B 99 1.02 -33.65 0.75
N MET B 100 1.43 -33.27 1.96
CA MET B 100 0.97 -32.07 2.63
C MET B 100 2.10 -31.20 3.26
N GLY C 2 4.93 -1.31 -6.69
CA GLY C 2 3.82 -0.72 -5.95
C GLY C 2 2.45 -1.07 -6.55
N PRO C 3 1.37 -0.31 -6.21
CA PRO C 3 0.04 -0.62 -6.78
C PRO C 3 -0.14 -0.07 -8.20
N HIS C 4 -1.00 -0.72 -8.99
CA HIS C 4 -1.22 -0.33 -10.38
C HIS C 4 -2.66 -0.11 -10.73
N SER C 5 -2.91 0.58 -11.84
CA SER C 5 -4.28 0.86 -12.25
C SER C 5 -4.41 1.08 -13.72
N MET C 6 -5.62 0.86 -14.20
CA MET C 6 -6.01 1.19 -15.57
C MET C 6 -7.35 1.85 -15.51
N ARG C 7 -7.50 2.92 -16.29
CA ARG C 7 -8.73 3.69 -16.37
C ARG C 7 -9.00 4.19 -17.74
N TYR C 8 -10.27 4.23 -18.11
CA TYR C 8 -10.71 4.88 -19.32
C TYR C 8 -11.67 5.97 -18.88
N PHE C 9 -11.40 7.21 -19.26
CA PHE C 9 -12.17 8.41 -18.93
C PHE C 9 -12.80 8.86 -20.26
N GLU C 10 -14.12 8.75 -20.38
CA GLU C 10 -14.86 9.04 -21.61
C GLU C 10 -15.79 10.19 -21.35
N THR C 11 -15.96 11.07 -22.33
CA THR C 11 -16.85 12.22 -22.28
C THR C 11 -17.59 12.29 -23.62
N ALA C 12 -18.87 12.63 -23.57
CA ALA C 12 -19.64 12.91 -24.77
C ALA C 12 -20.26 14.24 -24.47
N VAL C 13 -20.08 15.19 -25.39
CA VAL C 13 -20.59 16.54 -25.22
C VAL C 13 -21.53 16.87 -26.38
N SER C 14 -22.82 17.11 -26.08
CA SER C 14 -23.75 17.47 -27.16
C SER C 14 -23.52 18.93 -27.53
N ARG C 15 -23.76 19.26 -28.80
CA ARG C 15 -23.53 20.61 -29.31
C ARG C 15 -24.79 21.33 -29.87
N PRO C 16 -24.79 22.68 -29.96
CA PRO C 16 -26.00 23.42 -30.44
C PRO C 16 -26.70 22.94 -31.73
N GLY C 17 -28.02 22.79 -31.63
CA GLY C 17 -28.92 22.42 -32.71
C GLY C 17 -28.71 21.08 -33.41
N LEU C 18 -28.56 21.13 -34.74
CA LEU C 18 -28.40 19.97 -35.62
C LEU C 18 -27.11 19.19 -35.42
N GLU C 19 -26.01 19.90 -35.06
CA GLU C 19 -24.65 19.36 -34.83
C GLU C 19 -24.64 18.07 -33.96
N GLU C 20 -23.80 17.09 -34.36
CA GLU C 20 -23.65 15.80 -33.65
C GLU C 20 -22.67 15.92 -32.45
N PRO C 21 -22.81 15.09 -31.39
CA PRO C 21 -21.92 15.27 -30.21
C PRO C 21 -20.45 14.92 -30.43
N ARG C 22 -19.59 15.46 -29.55
CA ARG C 22 -18.17 15.12 -29.59
C ARG C 22 -17.93 14.02 -28.54
N TYR C 23 -17.18 13.00 -28.91
CA TYR C 23 -16.82 11.90 -28.05
C TYR C 23 -15.30 11.80 -27.86
N ILE C 24 -14.87 11.77 -26.59
CA ILE C 24 -13.45 11.64 -26.26
C ILE C 24 -13.26 10.52 -25.28
N SER C 25 -12.30 9.67 -25.55
CA SER C 25 -11.93 8.61 -24.61
C SER C 25 -10.42 8.72 -24.33
N VAL C 26 -10.06 8.68 -23.07
CA VAL C 26 -8.67 8.77 -22.67
C VAL C 26 -8.37 7.59 -21.76
N GLY C 27 -7.36 6.84 -22.13
CA GLY C 27 -6.89 5.72 -21.33
C GLY C 27 -5.69 6.08 -20.50
N TYR C 28 -5.63 5.56 -19.29
CA TYR C 28 -4.54 5.78 -18.33
C TYR C 28 -4.03 4.48 -17.79
N VAL C 29 -2.71 4.37 -17.64
CA VAL C 29 -2.06 3.26 -16.96
C VAL C 29 -1.24 3.92 -15.84
N ASP C 30 -1.50 3.53 -14.57
CA ASP C 30 -0.83 4.11 -13.41
C ASP C 30 -0.85 5.64 -13.41
N ASN C 31 -2.05 6.20 -13.68
CA ASN C 31 -2.36 7.63 -13.73
C ASN C 31 -1.70 8.41 -14.84
N LYS C 32 -1.09 7.73 -15.81
CA LYS C 32 -0.45 8.40 -16.93
C LYS C 32 -1.19 8.08 -18.18
N GLU C 33 -1.47 9.10 -18.99
CA GLU C 33 -2.20 8.93 -20.25
C GLU C 33 -1.43 8.01 -21.24
N PHE C 34 -2.08 6.94 -21.80
CA PHE C 34 -1.39 6.02 -22.71
C PHE C 34 -2.07 5.86 -24.08
N VAL C 35 -3.40 6.15 -24.18
CA VAL C 35 -4.19 6.15 -25.40
C VAL C 35 -5.20 7.30 -25.36
N ARG C 36 -5.60 7.76 -26.56
CA ARG C 36 -6.62 8.80 -26.70
C ARG C 36 -7.37 8.64 -28.01
N PHE C 37 -8.70 8.78 -27.93
CA PHE C 37 -9.59 8.83 -29.10
C PHE C 37 -10.30 10.17 -29.03
N ASP C 38 -10.42 10.86 -30.16
CA ASP C 38 -11.17 12.12 -30.22
C ASP C 38 -11.96 12.17 -31.52
N SER C 39 -13.31 12.24 -31.43
CA SER C 39 -14.18 12.24 -32.60
C SER C 39 -14.05 13.49 -33.48
N ASP C 40 -13.53 14.57 -32.91
CA ASP C 40 -13.32 15.83 -33.64
C ASP C 40 -12.12 15.81 -34.59
N ALA C 41 -11.24 14.80 -34.49
CA ALA C 41 -10.06 14.65 -35.33
C ALA C 41 -10.43 14.34 -36.79
N GLU C 42 -9.55 14.73 -37.75
CA GLU C 42 -9.79 14.55 -39.19
C GLU C 42 -10.07 13.08 -39.50
N ASN C 43 -9.19 12.20 -38.98
CA ASN C 43 -9.34 10.76 -39.11
C ASN C 43 -9.47 10.15 -37.68
N PRO C 44 -10.68 10.14 -37.07
CA PRO C 44 -10.77 9.64 -35.69
C PRO C 44 -10.36 8.19 -35.51
N ARG C 45 -9.39 8.01 -34.63
CA ARG C 45 -8.85 6.74 -34.19
C ARG C 45 -8.18 6.86 -32.84
N TYR C 46 -8.11 5.75 -32.11
CA TYR C 46 -7.37 5.68 -30.88
C TYR C 46 -5.89 5.83 -31.29
N GLU C 47 -5.15 6.70 -30.60
CA GLU C 47 -3.74 6.94 -30.90
C GLU C 47 -2.86 6.60 -29.70
N PRO C 48 -1.58 6.15 -29.90
CA PRO C 48 -0.71 5.91 -28.72
C PRO C 48 -0.28 7.24 -28.08
N ARG C 49 -0.17 7.29 -26.76
CA ARG C 49 0.19 8.54 -26.05
C ARG C 49 1.36 8.30 -25.13
N ALA C 50 1.86 7.07 -25.15
CA ALA C 50 3.03 6.62 -24.42
C ALA C 50 3.88 5.91 -25.46
N PRO C 51 5.23 6.12 -25.48
CA PRO C 51 6.07 5.48 -26.52
C PRO C 51 5.95 3.95 -26.58
N TRP C 52 5.82 3.29 -25.42
CA TRP C 52 5.68 1.85 -25.28
C TRP C 52 4.40 1.23 -25.90
N MET C 53 3.43 2.09 -26.31
CA MET C 53 2.18 1.61 -26.93
C MET C 53 2.34 1.34 -28.42
N GLU C 54 3.47 1.83 -29.00
CA GLU C 54 3.82 1.66 -30.42
C GLU C 54 4.11 0.19 -30.75
N GLN C 55 4.36 -0.62 -29.71
CA GLN C 55 4.58 -2.07 -29.71
C GLN C 55 3.35 -2.82 -30.24
N GLU C 56 2.15 -2.27 -29.99
CA GLU C 56 0.86 -2.83 -30.43
C GLU C 56 0.72 -2.76 -31.94
N GLY C 57 0.33 -3.89 -32.54
CA GLY C 57 0.09 -4.00 -33.98
C GLY C 57 -1.02 -3.11 -34.49
N PRO C 58 -1.16 -2.94 -35.83
CA PRO C 58 -2.23 -2.07 -36.36
C PRO C 58 -3.64 -2.59 -36.11
N GLU C 59 -3.79 -3.91 -35.87
CA GLU C 59 -5.08 -4.52 -35.58
C GLU C 59 -5.63 -4.05 -34.23
N TYR C 60 -4.72 -3.77 -33.26
CA TYR C 60 -5.08 -3.28 -31.93
C TYR C 60 -5.79 -1.95 -32.11
N TRP C 61 -5.20 -1.04 -32.91
CA TRP C 61 -5.74 0.29 -33.14
C TRP C 61 -7.08 0.28 -33.84
N GLU C 62 -7.24 -0.60 -34.83
CA GLU C 62 -8.49 -0.72 -35.57
C GLU C 62 -9.59 -1.26 -34.71
N ARG C 63 -9.28 -2.28 -33.88
CA ARG C 63 -10.31 -2.84 -32.97
C ARG C 63 -10.71 -1.79 -31.94
N GLU C 64 -9.70 -1.11 -31.31
CA GLU C 64 -9.97 -0.04 -30.34
C GLU C 64 -10.80 1.11 -30.94
N THR C 65 -10.46 1.55 -32.17
CA THR C 65 -11.19 2.57 -32.91
C THR C 65 -12.63 2.12 -33.15
N GLN C 66 -12.82 0.85 -33.60
CA GLN C 66 -14.20 0.37 -33.79
C GLN C 66 -15.02 0.43 -32.48
N LYS C 67 -14.41 0.11 -31.31
CA LYS C 67 -15.10 0.21 -30.01
C LYS C 67 -15.61 1.65 -29.74
N ALA C 68 -14.74 2.65 -29.99
CA ALA C 68 -14.98 4.08 -29.82
C ALA C 68 -16.11 4.55 -30.74
N LYS C 69 -16.19 3.99 -31.98
CA LYS C 69 -17.27 4.32 -32.91
C LYS C 69 -18.59 3.88 -32.33
N GLY C 70 -18.59 2.70 -31.70
CA GLY C 70 -19.79 2.19 -31.05
C GLY C 70 -20.13 3.00 -29.81
N GLN C 71 -19.11 3.31 -28.98
CA GLN C 71 -19.27 4.12 -27.77
C GLN C 71 -19.89 5.47 -28.09
N GLU C 72 -19.41 6.11 -29.18
CA GLU C 72 -19.93 7.40 -29.61
C GLU C 72 -21.47 7.37 -29.85
N GLN C 73 -21.97 6.30 -30.46
CA GLN C 73 -23.42 6.14 -30.72
C GLN C 73 -24.17 5.82 -29.45
N TRP C 74 -23.56 4.99 -28.57
CA TRP C 74 -24.17 4.64 -27.30
C TRP C 74 -24.38 5.90 -26.44
N PHE C 75 -23.39 6.81 -26.40
CA PHE C 75 -23.49 8.05 -25.63
C PHE C 75 -24.52 9.00 -26.26
N ARG C 76 -24.64 9.02 -27.58
CA ARG C 76 -25.63 9.84 -28.27
C ARG C 76 -27.06 9.36 -27.89
N VAL C 77 -27.29 8.04 -27.85
CA VAL C 77 -28.58 7.47 -27.44
C VAL C 77 -28.78 7.72 -25.93
N SER C 78 -27.77 7.46 -25.08
CA SER C 78 -27.88 7.71 -23.63
C SER C 78 -28.16 9.18 -23.25
N LEU C 79 -27.46 10.17 -23.92
CA LEU C 79 -27.66 11.62 -23.73
C LEU C 79 -29.13 11.97 -23.99
N ARG C 80 -29.75 11.36 -25.05
CA ARG C 80 -31.15 11.59 -25.43
C ARG C 80 -32.08 11.05 -24.36
N ASN C 81 -31.80 9.83 -23.84
CA ASN C 81 -32.61 9.22 -22.76
C ASN C 81 -32.63 10.08 -21.48
N LEU C 82 -31.45 10.61 -21.07
CA LEU C 82 -31.29 11.45 -19.90
C LEU C 82 -32.01 12.78 -20.01
N LEU C 83 -32.06 13.32 -21.24
CA LEU C 83 -32.74 14.57 -21.58
C LEU C 83 -34.22 14.44 -21.22
N GLY C 84 -34.83 13.33 -21.65
CA GLY C 84 -36.21 12.99 -21.35
C GLY C 84 -36.48 12.78 -19.86
N TYR C 85 -35.60 12.00 -19.19
CA TYR C 85 -35.72 11.77 -17.75
C TYR C 85 -35.77 13.09 -16.95
N TYR C 86 -34.83 14.05 -17.24
CA TYR C 86 -34.68 15.30 -16.52
C TYR C 86 -35.51 16.46 -17.02
N ASN C 87 -36.35 16.21 -18.02
CA ASN C 87 -37.19 17.22 -18.64
C ASN C 87 -36.50 18.50 -19.08
N GLN C 88 -35.26 18.34 -19.55
CA GLN C 88 -34.46 19.36 -20.20
C GLN C 88 -34.77 18.97 -21.65
N SER C 89 -34.58 19.88 -22.59
CA SER C 89 -34.75 19.51 -24.00
C SER C 89 -33.48 20.04 -24.73
N ALA C 90 -33.24 19.73 -26.04
CA ALA C 90 -33.91 18.91 -27.07
C ALA C 90 -32.72 18.65 -27.99
N GLY C 91 -32.08 19.77 -28.35
CA GLY C 91 -30.88 19.91 -29.13
C GLY C 91 -30.03 20.97 -28.45
N GLY C 92 -29.81 20.77 -27.15
CA GLY C 92 -29.05 21.67 -26.29
C GLY C 92 -27.53 21.53 -26.30
N SER C 93 -26.96 21.44 -25.10
CA SER C 93 -25.52 21.34 -24.82
C SER C 93 -25.30 20.66 -23.43
N HIS C 94 -25.07 19.36 -23.46
CA HIS C 94 -24.97 18.55 -22.24
C HIS C 94 -23.73 17.67 -22.22
N THR C 95 -23.32 17.22 -21.04
N THR C 95 -23.34 17.23 -21.01
CA THR C 95 -22.18 16.31 -20.91
CA THR C 95 -22.15 16.43 -20.76
C THR C 95 -22.58 15.04 -20.22
C THR C 95 -22.50 15.07 -20.10
N LEU C 96 -21.95 13.98 -20.65
CA LEU C 96 -22.11 12.67 -20.09
C LEU C 96 -20.66 12.15 -19.97
N GLN C 97 -20.29 11.68 -18.79
CA GLN C 97 -18.94 11.20 -18.53
C GLN C 97 -18.99 9.84 -17.90
N GLN C 98 -17.95 9.07 -18.15
CA GLN C 98 -17.83 7.73 -17.63
C GLN C 98 -16.40 7.50 -17.21
N MET C 99 -16.21 6.76 -16.11
CA MET C 99 -14.90 6.37 -15.63
CA MET C 99 -14.88 6.35 -15.66
C MET C 99 -14.98 4.88 -15.37
N SER C 100 -14.05 4.10 -15.89
CA SER C 100 -14.05 2.66 -15.64
C SER C 100 -12.65 2.08 -15.63
N GLY C 101 -12.48 1.02 -14.87
CA GLY C 101 -11.20 0.35 -14.80
C GLY C 101 -10.97 -0.49 -13.56
N CYS C 102 -9.72 -0.85 -13.37
CA CYS C 102 -9.30 -1.76 -12.31
C CYS C 102 -8.04 -1.29 -11.65
N ASP C 103 -7.90 -1.63 -10.37
CA ASP C 103 -6.75 -1.37 -9.52
C ASP C 103 -6.15 -2.71 -9.14
N LEU C 104 -4.83 -2.76 -9.06
CA LEU C 104 -4.10 -3.98 -8.67
C LEU C 104 -3.16 -3.70 -7.56
N GLY C 105 -2.89 -4.71 -6.73
CA GLY C 105 -1.87 -4.59 -5.68
C GLY C 105 -0.49 -4.85 -6.23
N SER C 106 0.55 -4.82 -5.35
CA SER C 106 1.94 -5.09 -5.72
C SER C 106 2.15 -6.53 -6.22
N ASP C 107 1.20 -7.45 -5.90
CA ASP C 107 1.21 -8.86 -6.34
C ASP C 107 0.48 -9.02 -7.70
N TRP C 108 0.07 -7.88 -8.33
CA TRP C 108 -0.67 -7.81 -9.61
C TRP C 108 -2.10 -8.42 -9.55
N ARG C 109 -2.60 -8.68 -8.34
CA ARG C 109 -3.94 -9.23 -8.12
C ARG C 109 -4.92 -8.08 -8.05
N LEU C 110 -6.12 -8.28 -8.60
CA LEU C 110 -7.20 -7.32 -8.60
C LEU C 110 -7.59 -6.86 -7.18
N LEU C 111 -7.47 -5.55 -6.90
CA LEU C 111 -7.92 -4.99 -5.62
C LEU C 111 -9.43 -4.65 -5.77
N ARG C 112 -9.80 -3.93 -6.84
CA ARG C 112 -11.20 -3.57 -7.15
C ARG C 112 -11.44 -3.13 -8.58
N GLY C 113 -12.66 -3.37 -9.05
CA GLY C 113 -13.14 -2.90 -10.34
C GLY C 113 -13.77 -1.53 -10.11
N TYR C 114 -13.92 -0.74 -11.17
CA TYR C 114 -14.46 0.62 -11.04
C TYR C 114 -15.34 1.01 -12.26
N LEU C 115 -16.53 1.59 -11.98
CA LEU C 115 -17.48 2.04 -12.99
C LEU C 115 -18.44 3.06 -12.43
N GLN C 116 -18.33 4.31 -12.92
CA GLN C 116 -19.10 5.49 -12.50
C GLN C 116 -19.51 6.33 -13.73
N PHE C 117 -20.66 7.00 -13.63
CA PHE C 117 -21.13 7.92 -14.68
C PHE C 117 -21.50 9.25 -14.06
N ALA C 118 -21.26 10.33 -14.78
CA ALA C 118 -21.71 11.65 -14.36
C ALA C 118 -22.52 12.27 -15.50
N TYR C 119 -23.53 13.05 -15.11
CA TYR C 119 -24.35 13.83 -16.03
C TYR C 119 -24.23 15.27 -15.58
N GLU C 120 -23.81 16.17 -16.51
CA GLU C 120 -23.61 17.61 -16.23
C GLU C 120 -22.49 17.83 -15.20
N GLY C 121 -21.57 16.88 -15.14
CA GLY C 121 -20.45 16.89 -14.22
C GLY C 121 -20.82 16.53 -12.79
N ARG C 122 -22.01 15.96 -12.60
CA ARG C 122 -22.49 15.53 -11.27
C ARG C 122 -22.72 14.02 -11.29
N ASP C 123 -22.42 13.33 -10.18
CA ASP C 123 -22.65 11.86 -10.03
C ASP C 123 -24.01 11.49 -10.54
N TYR C 124 -24.07 10.47 -11.37
CA TYR C 124 -25.35 10.02 -11.91
C TYR C 124 -25.65 8.61 -11.41
N ILE C 125 -24.80 7.64 -11.79
CA ILE C 125 -24.92 6.24 -11.35
C ILE C 125 -23.52 5.62 -11.19
N ALA C 126 -23.37 4.76 -10.19
CA ALA C 126 -22.10 4.10 -9.94
C ALA C 126 -22.33 2.63 -9.67
N LEU C 127 -21.40 1.79 -10.11
CA LEU C 127 -21.47 0.36 -9.81
C LEU C 127 -20.79 0.23 -8.46
N ASN C 128 -21.43 -0.47 -7.50
CA ASN C 128 -20.85 -0.66 -6.17
C ASN C 128 -19.64 -1.58 -6.27
N GLU C 129 -18.76 -1.54 -5.24
CA GLU C 129 -17.51 -2.32 -5.20
C GLU C 129 -17.74 -3.83 -5.39
N ASP C 130 -18.91 -4.36 -5.01
CA ASP C 130 -19.28 -5.78 -5.21
C ASP C 130 -19.40 -6.11 -6.71
N LEU C 131 -19.55 -5.07 -7.58
CA LEU C 131 -19.68 -5.19 -9.04
C LEU C 131 -20.97 -5.93 -9.43
N LYS C 132 -21.97 -5.89 -8.53
CA LYS C 132 -23.25 -6.57 -8.76
C LYS C 132 -24.42 -5.61 -8.67
N THR C 133 -24.32 -4.65 -7.75
CA THR C 133 -25.41 -3.72 -7.48
C THR C 133 -25.01 -2.28 -7.84
N TRP C 134 -26.01 -1.45 -8.08
CA TRP C 134 -25.82 -0.06 -8.49
C TRP C 134 -26.27 0.91 -7.42
N THR C 135 -25.66 2.11 -7.40
CA THR C 135 -26.07 3.24 -6.56
C THR C 135 -26.44 4.42 -7.51
N ALA C 136 -27.72 4.79 -7.55
CA ALA C 136 -28.22 5.92 -8.35
C ALA C 136 -28.13 7.19 -7.51
N ALA C 137 -27.72 8.33 -8.11
CA ALA C 137 -27.54 9.59 -7.36
C ALA C 137 -28.82 10.39 -7.13
N ASP C 138 -29.85 10.15 -7.92
CA ASP C 138 -31.09 10.90 -7.83
C ASP C 138 -32.19 10.10 -8.45
N MET C 139 -33.38 10.69 -8.54
CA MET C 139 -34.58 10.06 -9.05
C MET C 139 -34.46 9.59 -10.54
N ALA C 140 -33.92 10.45 -11.41
CA ALA C 140 -33.74 10.11 -12.83
C ALA C 140 -32.78 8.93 -13.00
N ALA C 141 -31.69 8.90 -12.21
CA ALA C 141 -30.70 7.84 -12.29
C ALA C 141 -31.27 6.50 -11.82
N GLN C 142 -32.33 6.52 -10.97
CA GLN C 142 -33.01 5.34 -10.50
C GLN C 142 -33.73 4.65 -11.68
N ILE C 143 -34.12 5.42 -12.73
CA ILE C 143 -34.70 4.85 -13.98
C ILE C 143 -33.61 4.00 -14.71
N THR C 144 -32.36 4.53 -14.77
CA THR C 144 -31.24 3.81 -15.36
C THR C 144 -30.92 2.55 -14.51
N ARG C 145 -30.87 2.72 -13.18
CA ARG C 145 -30.60 1.63 -12.24
C ARG C 145 -31.59 0.46 -12.44
N ARG C 146 -32.89 0.77 -12.55
CA ARG C 146 -33.93 -0.25 -12.73
C ARG C 146 -33.79 -0.90 -14.09
N LYS C 147 -33.46 -0.11 -15.16
CA LYS C 147 -33.26 -0.62 -16.52
C LYS C 147 -32.08 -1.59 -16.51
N TRP C 148 -30.98 -1.21 -15.87
CA TRP C 148 -29.78 -2.02 -15.80
C TRP C 148 -29.86 -3.25 -14.92
N GLU C 149 -30.68 -3.20 -13.87
CA GLU C 149 -30.90 -4.38 -13.00
C GLU C 149 -31.71 -5.39 -13.83
N GLN C 150 -32.72 -4.89 -14.60
CA GLN C 150 -33.55 -5.72 -15.48
C GLN C 150 -32.76 -6.40 -16.58
N SER C 151 -31.86 -5.68 -17.28
CA SER C 151 -31.07 -6.27 -18.36
C SER C 151 -29.79 -6.96 -17.92
N GLY C 152 -29.54 -6.98 -16.60
CA GLY C 152 -28.37 -7.58 -15.98
C GLY C 152 -27.06 -6.98 -16.42
N ALA C 153 -27.05 -5.64 -16.65
CA ALA C 153 -25.85 -4.91 -17.11
C ALA C 153 -24.62 -5.08 -16.23
N ALA C 154 -24.79 -5.18 -14.90
CA ALA C 154 -23.63 -5.31 -14.00
C ALA C 154 -22.75 -6.52 -14.29
N GLU C 155 -23.36 -7.65 -14.74
CA GLU C 155 -22.62 -8.88 -15.04
C GLU C 155 -21.55 -8.71 -16.12
N ALA C 156 -21.91 -8.03 -17.21
CA ALA C 156 -21.03 -7.76 -18.33
C ALA C 156 -19.92 -6.78 -17.91
N TYR C 157 -20.25 -5.78 -17.04
CA TYR C 157 -19.23 -4.85 -16.55
C TYR C 157 -18.29 -5.60 -15.62
N LYS C 158 -18.84 -6.47 -14.76
CA LYS C 158 -18.04 -7.28 -13.84
C LYS C 158 -17.06 -8.18 -14.60
N ALA C 159 -17.54 -8.81 -15.70
CA ALA C 159 -16.73 -9.69 -16.55
C ALA C 159 -15.51 -8.93 -17.12
N TYR C 160 -15.74 -7.71 -17.61
CA TYR C 160 -14.65 -6.88 -18.14
C TYR C 160 -13.67 -6.45 -17.04
N LEU C 161 -14.19 -5.92 -15.93
CA LEU C 161 -13.41 -5.35 -14.81
C LEU C 161 -12.44 -6.34 -14.15
N GLU C 162 -12.90 -7.58 -13.96
CA GLU C 162 -12.10 -8.64 -13.34
C GLU C 162 -11.33 -9.45 -14.38
N GLY C 163 -11.74 -9.38 -15.65
CA GLY C 163 -11.13 -10.14 -16.74
C GLY C 163 -10.21 -9.35 -17.62
N GLU C 164 -10.71 -8.93 -18.80
CA GLU C 164 -10.01 -8.13 -19.81
C GLU C 164 -9.24 -6.94 -19.23
N CYS C 165 -9.85 -6.20 -18.28
CA CYS C 165 -9.22 -5.02 -17.68
C CYS C 165 -7.88 -5.42 -17.01
N VAL C 166 -7.92 -6.48 -16.17
CA VAL C 166 -6.75 -7.03 -15.46
C VAL C 166 -5.71 -7.57 -16.47
N GLU C 167 -6.16 -8.42 -17.43
CA GLU C 167 -5.37 -9.06 -18.49
C GLU C 167 -4.62 -8.05 -19.30
N TRP C 168 -5.30 -7.02 -19.83
CA TRP C 168 -4.64 -5.97 -20.61
C TRP C 168 -3.73 -5.12 -19.77
N LEU C 169 -4.05 -4.89 -18.46
CA LEU C 169 -3.18 -4.09 -17.59
C LEU C 169 -1.86 -4.84 -17.39
N HIS C 170 -1.93 -6.15 -17.14
CA HIS C 170 -0.74 -7.02 -17.00
C HIS C 170 0.14 -6.88 -18.24
N ARG C 171 -0.48 -6.92 -19.43
CA ARG C 171 0.23 -6.76 -20.70
C ARG C 171 0.93 -5.40 -20.79
N TYR C 172 0.22 -4.31 -20.46
CA TYR C 172 0.75 -2.94 -20.51
C TYR C 172 1.92 -2.72 -19.53
N LEU C 173 1.79 -3.25 -18.29
CA LEU C 173 2.79 -3.18 -17.23
C LEU C 173 4.10 -3.81 -17.67
N LYS C 174 4.02 -5.01 -18.32
CA LYS C 174 5.14 -5.75 -18.90
C LYS C 174 5.72 -4.97 -20.08
N ASN C 175 4.87 -4.49 -21.02
CA ASN C 175 5.32 -3.73 -22.19
C ASN C 175 6.02 -2.42 -21.92
N GLY C 176 5.50 -1.65 -20.97
CA GLY C 176 6.05 -0.34 -20.63
C GLY C 176 6.92 -0.30 -19.41
N ASN C 177 7.42 -1.48 -18.96
CA ASN C 177 8.27 -1.74 -17.79
C ASN C 177 9.41 -0.73 -17.56
N ALA C 178 10.24 -0.46 -18.59
CA ALA C 178 11.40 0.45 -18.53
C ALA C 178 11.07 1.94 -18.22
N THR C 179 9.80 2.36 -18.43
CA THR C 179 9.34 3.73 -18.17
C THR C 179 8.27 3.80 -17.07
N LEU C 180 7.40 2.79 -16.97
CA LEU C 180 6.32 2.72 -15.98
C LEU C 180 6.80 2.57 -14.54
N LEU C 181 7.95 1.90 -14.33
CA LEU C 181 8.55 1.70 -13.00
C LEU C 181 9.42 2.88 -12.59
N ARG C 182 9.77 3.73 -13.57
CA ARG C 182 10.60 4.91 -13.38
C ARG C 182 9.98 5.93 -12.40
N THR C 183 10.85 6.54 -11.60
CA THR C 183 10.52 7.62 -10.68
C THR C 183 11.53 8.74 -10.94
N ASP C 184 11.09 9.97 -10.75
CA ASP C 184 11.94 11.15 -10.90
C ASP C 184 11.92 11.74 -9.54
N SER C 185 13.11 11.84 -8.94
CA SER C 185 13.21 12.32 -7.57
C SER C 185 13.00 13.84 -7.52
N PRO C 186 12.32 14.34 -6.48
CA PRO C 186 12.20 15.80 -6.35
C PRO C 186 13.53 16.45 -6.00
N LYS C 187 13.76 17.63 -6.56
CA LYS C 187 14.90 18.46 -6.25
C LYS C 187 14.31 19.59 -5.45
N ALA C 188 14.76 19.75 -4.21
CA ALA C 188 14.23 20.77 -3.30
C ALA C 188 15.19 21.91 -2.98
N HIS C 189 14.62 23.09 -2.67
CA HIS C 189 15.33 24.30 -2.28
C HIS C 189 14.36 25.19 -1.52
N VAL C 190 14.92 26.03 -0.64
CA VAL C 190 14.16 26.96 0.17
C VAL C 190 14.42 28.42 -0.31
N THR C 191 13.33 29.16 -0.56
CA THR C 191 13.37 30.58 -0.91
C THR C 191 12.91 31.37 0.35
N HIS C 192 13.34 32.63 0.41
CA HIS C 192 13.22 33.49 1.59
C HIS C 192 12.57 34.79 1.15
N HIS C 193 11.38 35.11 1.70
CA HIS C 193 10.62 36.28 1.29
C HIS C 193 10.21 37.22 2.45
N PRO C 194 11.11 38.17 2.87
CA PRO C 194 10.74 39.09 3.96
C PRO C 194 9.40 39.78 3.74
N ARG C 195 8.66 39.93 4.82
CA ARG C 195 7.33 40.54 4.76
C ARG C 195 7.09 41.48 5.98
N SER C 196 5.83 41.75 6.30
CA SER C 196 5.42 42.63 7.41
C SER C 196 5.78 42.05 8.80
N LYS C 197 5.70 42.91 9.85
CA LYS C 197 5.84 42.61 11.28
C LYS C 197 7.11 41.87 11.70
N GLY C 198 8.21 42.17 11.03
CA GLY C 198 9.50 41.52 11.28
C GLY C 198 9.53 40.04 10.91
N GLU C 199 8.62 39.61 9.99
CA GLU C 199 8.53 38.19 9.60
C GLU C 199 9.01 37.90 8.18
N VAL C 200 9.17 36.62 7.86
CA VAL C 200 9.64 36.16 6.56
C VAL C 200 8.94 34.86 6.13
N THR C 201 8.52 34.81 4.86
CA THR C 201 7.99 33.57 4.30
C THR C 201 9.16 32.68 3.88
N LEU C 202 9.22 31.46 4.45
CA LEU C 202 10.20 30.44 4.04
C LEU C 202 9.40 29.51 3.09
N ARG C 203 9.84 29.39 1.83
CA ARG C 203 9.13 28.57 0.84
C ARG C 203 9.95 27.38 0.42
N CYS C 204 9.46 26.18 0.75
CA CYS C 204 10.12 24.95 0.36
C CYS C 204 9.57 24.44 -0.94
N TRP C 205 10.42 24.39 -1.97
CA TRP C 205 10.06 23.97 -3.31
C TRP C 205 10.49 22.54 -3.61
N ALA C 206 9.61 21.78 -4.29
CA ALA C 206 9.90 20.41 -4.76
C ALA C 206 9.65 20.40 -6.24
N LEU C 207 10.68 20.16 -7.03
CA LEU C 207 10.58 20.19 -8.50
C LEU C 207 11.09 18.93 -9.19
N GLY C 208 10.66 18.74 -10.42
CA GLY C 208 11.09 17.65 -11.29
C GLY C 208 10.75 16.25 -10.83
N PHE C 209 9.70 16.08 -9.99
CA PHE C 209 9.37 14.75 -9.47
C PHE C 209 8.31 14.00 -10.27
N TYR C 210 8.37 12.67 -10.22
CA TYR C 210 7.39 11.75 -10.83
C TYR C 210 7.39 10.44 -10.00
N PRO C 211 6.22 9.88 -9.58
CA PRO C 211 4.83 10.35 -9.77
C PRO C 211 4.46 11.58 -8.96
N ALA C 212 3.24 12.10 -9.20
CA ALA C 212 2.71 13.31 -8.58
C ALA C 212 2.61 13.29 -7.04
N ASP C 213 2.38 12.10 -6.44
CA ASP C 213 2.27 11.92 -4.98
C ASP C 213 3.51 12.41 -4.22
N ILE C 214 3.31 13.33 -3.26
CA ILE C 214 4.39 13.94 -2.49
C ILE C 214 3.88 14.56 -1.21
N THR C 215 4.75 14.65 -0.20
CA THR C 215 4.45 15.29 1.07
C THR C 215 5.61 16.22 1.42
N LEU C 216 5.28 17.46 1.72
CA LEU C 216 6.26 18.46 2.14
C LEU C 216 5.90 18.84 3.56
N THR C 217 6.87 18.84 4.47
CA THR C 217 6.60 19.24 5.86
C THR C 217 7.56 20.31 6.30
N TRP C 218 7.13 21.13 7.25
CA TRP C 218 7.96 22.14 7.88
C TRP C 218 7.96 21.82 9.36
N GLN C 219 9.13 21.83 10.00
CA GLN C 219 9.23 21.54 11.42
C GLN C 219 9.95 22.60 12.26
N LEU C 220 9.57 22.72 13.54
CA LEU C 220 10.16 23.61 14.54
C LEU C 220 10.06 22.92 15.92
N ASN C 221 11.16 22.41 16.48
CA ASN C 221 12.53 22.38 15.94
C ASN C 221 12.86 20.88 15.77
N GLY C 222 11.86 20.17 15.26
CA GLY C 222 11.81 18.74 15.05
C GLY C 222 10.35 18.34 14.97
N GLU C 223 9.50 19.07 15.72
CA GLU C 223 8.05 18.92 15.77
C GLU C 223 7.41 19.60 14.56
N GLU C 224 6.59 18.84 13.82
CA GLU C 224 5.89 19.28 12.62
C GLU C 224 4.96 20.47 12.84
N LEU C 225 4.84 21.32 11.81
CA LEU C 225 4.03 22.53 11.86
C LEU C 225 2.65 22.40 11.22
N THR C 226 1.65 22.10 12.08
CA THR C 226 0.23 22.06 11.73
C THR C 226 -0.30 23.53 11.92
N GLN C 227 0.63 24.44 12.31
CA GLN C 227 0.46 25.89 12.54
C GLN C 227 0.23 26.65 11.20
N ASP C 228 -0.48 25.97 10.28
CA ASP C 228 -0.87 26.43 8.96
C ASP C 228 0.24 26.77 7.98
N MET C 229 0.65 25.73 7.23
CA MET C 229 1.59 25.85 6.14
C MET C 229 0.72 26.30 5.00
N GLU C 230 1.26 27.07 4.10
CA GLU C 230 0.53 27.43 2.90
C GLU C 230 1.07 26.43 1.88
N LEU C 231 0.23 25.95 0.98
CA LEU C 231 0.68 25.06 -0.06
C LEU C 231 -0.09 25.26 -1.34
N VAL C 232 0.54 24.89 -2.46
CA VAL C 232 -0.11 24.97 -3.76
C VAL C 232 -0.50 23.57 -4.13
N GLU C 233 -1.52 23.43 -4.99
CA GLU C 233 -1.89 22.13 -5.51
C GLU C 233 -0.72 21.69 -6.43
N THR C 234 -0.35 20.40 -6.35
CA THR C 234 0.68 19.80 -7.20
C THR C 234 0.34 20.15 -8.64
N ARG C 235 1.33 20.56 -9.43
CA ARG C 235 1.09 21.00 -10.79
C ARG C 235 2.05 20.40 -11.79
N PRO C 236 1.62 20.13 -13.05
CA PRO C 236 2.57 19.59 -14.04
C PRO C 236 3.56 20.64 -14.54
N ALA C 237 4.84 20.26 -14.62
CA ALA C 237 5.89 21.14 -15.16
C ALA C 237 5.75 21.21 -16.68
N GLY C 238 5.09 20.20 -17.24
CA GLY C 238 4.80 20.08 -18.68
C GLY C 238 5.73 19.13 -19.42
N ASP C 239 6.76 18.63 -18.72
CA ASP C 239 7.77 17.74 -19.27
C ASP C 239 7.60 16.30 -18.77
N GLY C 240 6.54 16.04 -18.02
CA GLY C 240 6.24 14.72 -17.45
C GLY C 240 6.41 14.72 -15.94
N THR C 241 7.03 15.77 -15.41
CA THR C 241 7.30 15.86 -13.99
C THR C 241 6.33 16.84 -13.33
N PHE C 242 6.37 16.91 -12.01
CA PHE C 242 5.47 17.75 -11.25
C PHE C 242 6.21 18.70 -10.34
N GLN C 243 5.49 19.69 -9.78
CA GLN C 243 6.05 20.67 -8.87
C GLN C 243 5.15 20.84 -7.70
N LYS C 244 5.70 21.25 -6.56
CA LYS C 244 4.91 21.60 -5.40
C LYS C 244 5.73 22.49 -4.49
N TRP C 245 5.07 23.35 -3.74
CA TRP C 245 5.72 24.10 -2.69
C TRP C 245 4.86 24.18 -1.43
N ALA C 246 5.51 24.37 -0.27
CA ALA C 246 4.88 24.53 1.03
C ALA C 246 5.61 25.66 1.70
N SER C 247 4.87 26.56 2.33
CA SER C 247 5.50 27.69 2.98
C SER C 247 5.00 27.96 4.39
N VAL C 248 5.89 28.53 5.21
CA VAL C 248 5.66 28.96 6.59
C VAL C 248 6.11 30.40 6.78
N VAL C 249 5.44 31.12 7.67
CA VAL C 249 5.79 32.49 8.02
C VAL C 249 6.53 32.38 9.36
N VAL C 250 7.77 32.86 9.39
CA VAL C 250 8.64 32.72 10.57
C VAL C 250 9.26 34.08 10.94
N PRO C 251 9.71 34.30 12.21
CA PRO C 251 10.36 35.59 12.52
C PRO C 251 11.77 35.65 11.93
N LEU C 252 12.15 36.82 11.34
CA LEU C 252 13.47 37.06 10.77
C LEU C 252 14.54 36.89 11.86
N GLY C 253 15.60 36.17 11.51
CA GLY C 253 16.70 35.88 12.42
C GLY C 253 16.59 34.52 13.10
N LYS C 254 15.38 33.89 13.06
CA LYS C 254 15.10 32.57 13.64
C LYS C 254 14.85 31.48 12.56
N GLU C 255 15.21 31.76 11.29
CA GLU C 255 15.06 30.86 10.11
C GLU C 255 15.73 29.51 10.27
N GLN C 256 16.92 29.45 10.90
CA GLN C 256 17.65 28.19 11.08
C GLN C 256 16.98 27.12 11.96
N ASN C 257 15.94 27.51 12.74
CA ASN C 257 15.17 26.60 13.60
C ASN C 257 14.03 25.90 12.81
N TYR C 258 13.97 26.15 11.51
CA TYR C 258 12.95 25.57 10.65
C TYR C 258 13.57 24.67 9.64
N THR C 259 12.96 23.49 9.49
CA THR C 259 13.45 22.46 8.60
C THR C 259 12.32 21.99 7.70
N CYS C 260 12.63 21.81 6.42
CA CYS C 260 11.63 21.29 5.51
C CYS C 260 12.00 19.88 5.17
N ARG C 261 10.99 19.03 5.07
CA ARG C 261 11.22 17.63 4.70
C ARG C 261 10.35 17.30 3.52
N VAL C 262 10.90 16.54 2.58
CA VAL C 262 10.23 16.12 1.37
C VAL C 262 10.19 14.60 1.33
N TYR C 263 8.98 14.06 1.23
CA TYR C 263 8.73 12.63 1.18
C TYR C 263 8.25 12.25 -0.22
N HIS C 264 9.02 11.41 -0.89
CA HIS C 264 8.66 10.97 -2.23
C HIS C 264 9.14 9.57 -2.40
N GLU C 265 8.32 8.71 -3.01
CA GLU C 265 8.66 7.29 -3.23
C GLU C 265 9.93 7.07 -4.04
N GLY C 266 10.28 8.06 -4.86
CA GLY C 266 11.47 8.05 -5.71
C GLY C 266 12.77 8.32 -4.99
N LEU C 267 12.72 8.79 -3.72
CA LEU C 267 13.91 9.14 -2.93
C LEU C 267 14.56 7.99 -2.14
N PRO C 268 15.92 7.96 -2.06
CA PRO C 268 16.60 6.95 -1.23
C PRO C 268 16.27 7.08 0.26
N GLU C 269 15.98 8.32 0.66
CA GLU C 269 15.37 8.68 1.94
C GLU C 269 14.81 10.11 1.84
N PRO C 270 13.94 10.52 2.76
CA PRO C 270 13.36 11.84 2.67
C PRO C 270 14.40 12.94 2.70
N LEU C 271 14.20 13.98 1.91
CA LEU C 271 15.04 15.15 1.95
C LEU C 271 14.79 15.94 3.19
N THR C 272 15.87 16.52 3.71
CA THR C 272 15.84 17.42 4.83
C THR C 272 16.62 18.67 4.46
N LEU C 273 16.03 19.83 4.65
CA LEU C 273 16.67 21.06 4.22
C LEU C 273 16.15 22.31 4.92
N ARG C 274 16.93 23.38 4.85
CA ARG C 274 16.58 24.66 5.43
C ARG C 274 17.08 25.81 4.59
N TRP C 275 16.67 27.00 4.96
CA TRP C 275 17.12 28.19 4.26
C TRP C 275 18.65 28.31 4.31
N GLU C 276 19.26 28.58 3.17
CA GLU C 276 20.70 28.67 3.13
C GLU C 276 21.08 30.10 2.80
N PRO C 277 21.50 30.85 3.80
CA PRO C 277 21.78 32.28 3.62
C PRO C 277 22.96 32.49 2.73
N PRO C 278 22.94 33.54 1.94
CA PRO C 278 23.99 33.83 0.96
C PRO C 278 25.31 34.22 1.63
N PRO C 279 26.43 34.19 0.86
CA PRO C 279 27.77 34.14 1.44
C PRO C 279 27.87 33.31 2.72
N ILE D 2 -24.64 23.30 -12.47
CA ILE D 2 -24.52 23.69 -13.88
C ILE D 2 -23.06 24.10 -14.24
N GLN D 3 -22.45 24.98 -13.44
CA GLN D 3 -21.13 25.53 -13.74
C GLN D 3 -20.14 25.49 -12.59
N LYS D 4 -18.89 25.13 -12.90
CA LYS D 4 -17.79 25.12 -11.95
C LYS D 4 -16.73 26.11 -12.43
N THR D 5 -16.31 27.02 -11.53
CA THR D 5 -15.34 28.09 -11.83
C THR D 5 -13.93 27.56 -11.92
N PRO D 6 -13.23 27.90 -12.99
CA PRO D 6 -11.85 27.40 -13.11
C PRO D 6 -10.88 27.98 -12.08
N GLN D 7 -9.96 27.13 -11.62
CA GLN D 7 -8.85 27.51 -10.75
C GLN D 7 -7.62 27.62 -11.67
N ILE D 8 -6.79 28.63 -11.44
CA ILE D 8 -5.65 28.95 -12.30
C ILE D 8 -4.37 29.05 -11.48
N GLN D 9 -3.31 28.45 -12.02
CA GLN D 9 -1.96 28.57 -11.48
C GLN D 9 -1.11 28.97 -12.69
N VAL D 10 -0.23 30.00 -12.51
CA VAL D 10 0.71 30.50 -13.52
C VAL D 10 2.11 30.34 -12.94
N TYR D 11 2.99 29.69 -13.69
CA TYR D 11 4.31 29.30 -13.22
C TYR D 11 5.25 28.82 -14.34
N SER D 12 6.54 28.89 -14.08
CA SER D 12 7.56 28.44 -15.02
C SER D 12 7.88 26.99 -14.79
N ARG D 13 8.27 26.28 -15.88
CA ARG D 13 8.66 24.88 -15.83
C ARG D 13 9.91 24.72 -15.00
N HIS D 14 10.89 25.61 -15.19
CA HIS D 14 12.17 25.55 -14.47
C HIS D 14 12.30 26.77 -13.54
N PRO D 15 13.16 26.75 -12.47
CA PRO D 15 13.32 27.97 -11.64
C PRO D 15 13.81 29.11 -12.55
N PRO D 16 13.14 30.26 -12.46
CA PRO D 16 13.46 31.35 -13.38
C PRO D 16 14.76 32.09 -13.08
N GLU D 17 15.44 32.49 -14.15
CA GLU D 17 16.64 33.31 -14.10
C GLU D 17 16.48 34.26 -15.27
N ASN D 18 16.64 35.55 -15.01
CA ASN D 18 16.56 36.57 -16.04
C ASN D 18 17.49 36.31 -17.19
N GLY D 19 16.95 36.42 -18.40
CA GLY D 19 17.73 36.17 -19.61
C GLY D 19 17.87 34.71 -20.01
N LYS D 20 17.47 33.77 -19.13
CA LYS D 20 17.52 32.35 -19.40
C LYS D 20 16.18 31.84 -19.99
N PRO D 21 16.17 31.27 -21.24
CA PRO D 21 14.93 30.76 -21.83
C PRO D 21 14.31 29.64 -21.02
N ASN D 22 12.97 29.72 -20.88
CA ASN D 22 12.23 28.81 -20.03
C ASN D 22 10.83 28.51 -20.66
N ILE D 23 9.96 27.88 -19.89
CA ILE D 23 8.58 27.55 -20.28
C ILE D 23 7.63 28.10 -19.21
N LEU D 24 6.62 28.88 -19.64
CA LEU D 24 5.64 29.42 -18.73
C LEU D 24 4.37 28.59 -18.91
N ASN D 25 3.85 28.08 -17.82
CA ASN D 25 2.65 27.25 -17.77
C ASN D 25 1.47 28.00 -17.19
N CYS D 26 0.31 27.69 -17.75
CA CYS D 26 -0.96 28.11 -17.20
C CYS D 26 -1.79 26.86 -17.03
N TYR D 27 -1.95 26.43 -15.77
CA TYR D 27 -2.65 25.20 -15.40
C TYR D 27 -4.07 25.57 -14.93
N VAL D 28 -5.08 25.18 -15.71
CA VAL D 28 -6.46 25.55 -15.44
C VAL D 28 -7.26 24.30 -15.10
N THR D 29 -7.88 24.30 -13.91
CA THR D 29 -8.55 23.08 -13.42
C THR D 29 -9.92 23.38 -12.84
N GLN D 30 -10.59 22.34 -12.33
CA GLN D 30 -11.83 22.40 -11.56
C GLN D 30 -12.99 23.06 -12.30
N PHE D 31 -13.04 22.99 -13.61
CA PHE D 31 -14.13 23.66 -14.32
C PHE D 31 -15.09 22.73 -15.05
N HIS D 32 -16.27 23.25 -15.29
CA HIS D 32 -17.36 22.59 -15.99
C HIS D 32 -18.31 23.72 -16.41
N PRO D 33 -18.80 23.80 -17.67
CA PRO D 33 -18.61 22.87 -18.81
C PRO D 33 -17.18 22.80 -19.40
N PRO D 34 -16.85 21.77 -20.23
CA PRO D 34 -15.48 21.67 -20.78
C PRO D 34 -15.00 22.85 -21.67
N HIS D 35 -15.90 23.51 -22.40
CA HIS D 35 -15.56 24.62 -23.28
C HIS D 35 -14.87 25.77 -22.50
N ILE D 36 -13.67 26.20 -22.90
CA ILE D 36 -12.95 27.26 -22.16
C ILE D 36 -12.07 28.05 -23.12
N GLU D 37 -11.80 29.31 -22.80
CA GLU D 37 -10.91 30.11 -23.63
C GLU D 37 -9.73 30.52 -22.80
N ILE D 38 -8.52 30.10 -23.21
CA ILE D 38 -7.31 30.44 -22.47
C ILE D 38 -6.36 31.26 -23.35
N GLN D 39 -5.92 32.38 -22.81
CA GLN D 39 -4.97 33.25 -23.48
C GLN D 39 -3.80 33.50 -22.54
N MET D 40 -2.59 33.48 -23.09
CA MET D 40 -1.37 33.78 -22.36
C MET D 40 -0.85 35.15 -22.85
N LEU D 41 -0.43 36.01 -21.89
CA LEU D 41 -0.04 37.39 -22.24
C LEU D 41 1.31 37.84 -21.73
N LYS D 42 1.98 38.67 -22.53
CA LYS D 42 3.29 39.25 -22.19
C LYS D 42 3.10 40.74 -22.32
N ASN D 43 3.31 41.47 -21.19
CA ASN D 43 3.12 42.92 -21.07
C ASN D 43 1.70 43.31 -21.48
N GLY D 44 0.76 42.43 -21.15
CA GLY D 44 -0.66 42.64 -21.44
C GLY D 44 -1.05 42.40 -22.89
N LYS D 45 -0.16 41.84 -23.71
CA LYS D 45 -0.47 41.57 -25.11
C LYS D 45 -0.44 40.06 -25.34
N LYS D 46 -1.45 39.57 -26.09
CA LYS D 46 -1.63 38.15 -26.40
C LYS D 46 -0.39 37.55 -27.02
N ILE D 47 0.14 36.46 -26.41
CA ILE D 47 1.29 35.73 -26.95
C ILE D 47 0.74 34.83 -28.09
N PRO D 48 1.26 34.93 -29.33
CA PRO D 48 0.75 34.05 -30.40
C PRO D 48 1.30 32.62 -30.30
N LYS D 49 0.56 31.65 -30.89
CA LYS D 49 0.92 30.23 -30.93
C LYS D 49 1.35 29.58 -29.58
N VAL D 50 0.41 29.64 -28.63
CA VAL D 50 0.52 29.06 -27.29
C VAL D 50 0.06 27.60 -27.40
N GLU D 51 0.83 26.66 -26.83
CA GLU D 51 0.48 25.24 -26.83
C GLU D 51 -0.59 24.96 -25.80
N MET D 52 -1.53 24.07 -26.12
CA MET D 52 -2.63 23.67 -25.23
C MET D 52 -2.63 22.17 -25.18
N SER D 53 -2.73 21.60 -23.97
CA SER D 53 -2.87 20.15 -23.83
C SER D 53 -4.28 19.73 -24.30
N ASP D 54 -4.49 18.42 -24.52
CA ASP D 54 -5.82 17.96 -24.91
C ASP D 54 -6.73 18.01 -23.69
N MET D 55 -8.05 18.08 -23.88
CA MET D 55 -8.86 18.14 -22.69
CA MET D 55 -9.05 18.11 -22.81
C MET D 55 -9.02 16.80 -21.98
N SER D 56 -8.98 16.89 -20.66
CA SER D 56 -9.02 15.79 -19.73
C SER D 56 -9.90 16.16 -18.57
N PHE D 57 -10.24 15.17 -17.77
CA PHE D 57 -11.03 15.40 -16.57
C PHE D 57 -10.49 14.55 -15.41
N SER D 58 -10.72 15.03 -14.17
CA SER D 58 -10.26 14.44 -12.93
C SER D 58 -11.31 13.51 -12.37
N LYS D 59 -10.94 12.76 -11.32
CA LYS D 59 -11.80 11.81 -10.61
C LYS D 59 -13.08 12.49 -10.11
N ASP D 60 -13.01 13.79 -9.76
CA ASP D 60 -14.17 14.57 -9.32
C ASP D 60 -15.07 15.04 -10.49
N TRP D 61 -14.74 14.63 -11.74
CA TRP D 61 -15.46 14.92 -12.99
C TRP D 61 -15.07 16.24 -13.60
N SER D 62 -14.32 17.08 -12.86
CA SER D 62 -13.98 18.42 -13.39
C SER D 62 -12.93 18.31 -14.43
N PHE D 63 -12.97 19.25 -15.37
CA PHE D 63 -12.09 19.40 -16.50
C PHE D 63 -10.83 20.21 -16.17
N TYR D 64 -9.74 19.88 -16.87
CA TYR D 64 -8.47 20.57 -16.71
C TYR D 64 -7.71 20.65 -18.01
N ILE D 65 -6.86 21.66 -18.10
CA ILE D 65 -6.03 21.89 -19.27
C ILE D 65 -4.74 22.59 -18.88
N LEU D 66 -3.69 22.31 -19.63
CA LEU D 66 -2.40 22.93 -19.45
C LEU D 66 -2.05 23.70 -20.71
N ALA D 67 -1.86 25.00 -20.56
CA ALA D 67 -1.46 25.87 -21.66
C ALA D 67 -0.02 26.29 -21.42
N HIS D 68 0.81 26.38 -22.46
CA HIS D 68 2.19 26.81 -22.27
C HIS D 68 2.75 27.54 -23.44
N THR D 69 3.87 28.24 -23.18
CA THR D 69 4.60 29.03 -24.16
C THR D 69 6.09 29.16 -23.75
N GLU D 70 6.95 29.28 -24.74
CA GLU D 70 8.38 29.53 -24.50
C GLU D 70 8.46 30.99 -24.00
N PHE D 71 9.39 31.30 -23.08
CA PHE D 71 9.57 32.68 -22.58
C PHE D 71 10.93 32.89 -21.95
N THR D 72 11.39 34.14 -21.95
CA THR D 72 12.66 34.46 -21.33
C THR D 72 12.37 35.49 -20.23
N PRO D 73 12.39 35.11 -18.95
CA PRO D 73 12.11 36.10 -17.90
C PRO D 73 13.12 37.26 -17.88
N THR D 74 12.62 38.46 -17.66
CA THR D 74 13.45 39.67 -17.57
C THR D 74 13.00 40.42 -16.32
N GLU D 75 13.78 41.42 -15.91
CA GLU D 75 13.45 42.17 -14.70
C GLU D 75 12.24 43.07 -14.83
N THR D 76 11.84 43.39 -16.09
CA THR D 76 10.73 44.31 -16.37
C THR D 76 9.48 43.71 -17.00
N ASP D 77 9.61 42.61 -17.77
CA ASP D 77 8.46 41.98 -18.46
C ASP D 77 7.49 41.28 -17.54
N THR D 78 6.18 41.48 -17.78
CA THR D 78 5.13 40.81 -17.00
C THR D 78 4.50 39.74 -17.86
N TYR D 79 4.06 38.66 -17.21
CA TYR D 79 3.39 37.55 -17.88
C TYR D 79 2.13 37.23 -17.12
N ALA D 80 1.10 36.82 -17.86
CA ALA D 80 -0.20 36.52 -17.30
C ALA D 80 -0.96 35.52 -18.13
N CYS D 81 -1.94 34.91 -17.50
CA CYS D 81 -2.84 34.01 -18.16
C CYS D 81 -4.26 34.49 -17.94
N ARG D 82 -5.04 34.59 -19.02
CA ARG D 82 -6.42 35.07 -19.02
C ARG D 82 -7.37 33.97 -19.47
N VAL D 83 -8.37 33.72 -18.63
CA VAL D 83 -9.37 32.65 -18.82
C VAL D 83 -10.79 33.23 -18.96
N LYS D 84 -11.53 32.75 -19.97
CA LYS D 84 -12.94 33.10 -20.22
C LYS D 84 -13.72 31.78 -20.12
N HIS D 85 -14.75 31.72 -19.26
CA HIS D 85 -15.54 30.50 -19.04
C HIS D 85 -16.95 30.83 -18.72
N ALA D 86 -17.93 29.91 -19.06
CA ALA D 86 -19.39 30.09 -18.80
C ALA D 86 -19.70 30.44 -17.31
N SER D 87 -18.91 29.94 -16.35
CA SER D 87 -19.13 30.21 -14.92
C SER D 87 -18.77 31.67 -14.52
N MET D 88 -18.04 32.40 -15.33
CA MET D 88 -17.61 33.74 -14.96
C MET D 88 -18.19 34.84 -15.83
N ALA D 89 -18.68 35.90 -15.19
CA ALA D 89 -19.25 37.08 -15.85
C ALA D 89 -18.21 37.80 -16.67
N GLU D 90 -16.94 37.84 -16.19
CA GLU D 90 -15.82 38.54 -16.80
C GLU D 90 -14.59 37.62 -16.92
N PRO D 91 -13.62 37.92 -17.82
CA PRO D 91 -12.39 37.10 -17.86
C PRO D 91 -11.60 37.22 -16.56
N LYS D 92 -10.91 36.16 -16.20
CA LYS D 92 -10.06 36.15 -15.02
C LYS D 92 -8.60 36.09 -15.51
N THR D 93 -7.79 37.05 -15.07
CA THR D 93 -6.36 37.17 -15.36
C THR D 93 -5.52 36.87 -14.14
N VAL D 94 -4.55 35.95 -14.29
CA VAL D 94 -3.60 35.65 -13.20
C VAL D 94 -2.19 35.96 -13.70
N TYR D 95 -1.49 36.88 -13.00
CA TYR D 95 -0.11 37.24 -13.36
C TYR D 95 0.87 36.24 -12.77
N TRP D 96 1.97 36.01 -13.49
CA TRP D 96 3.06 35.16 -13.02
C TRP D 96 3.83 35.92 -11.96
N ASP D 97 4.13 35.24 -10.86
CA ASP D 97 4.90 35.74 -9.74
C ASP D 97 5.98 34.69 -9.60
N ARG D 98 7.21 35.06 -9.92
CA ARG D 98 8.35 34.16 -9.89
C ARG D 98 8.61 33.52 -8.53
N ASP D 99 7.97 34.05 -7.48
CA ASP D 99 8.12 33.48 -6.14
C ASP D 99 7.04 32.48 -5.83
N MET D 100 6.13 32.20 -6.78
CA MET D 100 4.99 31.28 -6.60
C MET D 100 4.94 30.14 -7.64
N ALA E 1 16.25 1.11 17.17
CA ALA E 1 16.67 1.14 18.58
C ALA E 1 15.43 1.05 19.44
N SER E 2 15.57 0.38 20.59
CA SER E 2 14.46 0.12 21.47
C SER E 2 14.01 1.32 22.31
N ASN E 3 12.79 1.22 22.88
CA ASN E 3 12.26 2.23 23.74
C ASN E 3 12.26 1.77 25.19
N GLU E 4 12.39 2.72 26.12
CA GLU E 4 12.35 2.39 27.54
C GLU E 4 11.04 2.86 28.15
N ASN E 5 10.37 1.96 28.89
CA ASN E 5 9.15 2.34 29.60
C ASN E 5 9.59 3.14 30.87
N ILE E 6 8.76 4.08 31.34
CA ILE E 6 9.11 4.84 32.53
C ILE E 6 8.09 4.47 33.63
N GLU E 7 6.88 5.06 33.58
CA GLU E 7 5.85 4.75 34.56
C GLU E 7 5.49 3.28 34.51
N THR E 8 5.52 2.61 35.66
CA THR E 8 5.17 1.19 35.74
C THR E 8 3.65 1.03 35.62
N MET E 9 3.21 -0.18 35.35
CA MET E 9 1.78 -0.50 35.22
C MET E 9 0.96 -0.35 36.51
N ALA F 1 -7.06 -2.26 -22.76
CA ALA F 1 -8.02 -2.13 -23.85
C ALA F 1 -9.32 -1.63 -23.25
N SER F 2 -10.08 -0.86 -24.03
CA SER F 2 -11.32 -0.24 -23.58
C SER F 2 -12.52 -1.21 -23.55
N ASN F 3 -13.57 -0.84 -22.80
CA ASN F 3 -14.80 -1.59 -22.70
C ASN F 3 -15.91 -0.91 -23.48
N GLU F 4 -16.87 -1.72 -23.94
CA GLU F 4 -18.04 -1.25 -24.69
C GLU F 4 -19.30 -1.41 -23.85
N ASN F 5 -20.08 -0.32 -23.73
CA ASN F 5 -21.35 -0.37 -23.00
C ASN F 5 -22.36 -1.07 -23.92
N ILE F 6 -23.39 -1.67 -23.33
CA ILE F 6 -24.40 -2.41 -24.09
C ILE F 6 -25.73 -1.74 -23.89
N GLU F 7 -26.46 -2.03 -22.79
CA GLU F 7 -27.73 -1.37 -22.50
C GLU F 7 -27.49 0.11 -22.35
N THR F 8 -28.27 0.90 -23.05
CA THR F 8 -28.16 2.37 -22.95
C THR F 8 -28.74 2.82 -21.59
N MET F 9 -28.48 4.08 -21.20
CA MET F 9 -28.99 4.63 -19.91
C MET F 9 -30.52 4.86 -19.91
#